data_4BO3
#
_entry.id   4BO3
#
_cell.length_a   55.210
_cell.length_b   109.402
_cell.length_c   148.615
_cell.angle_alpha   90.00
_cell.angle_beta   90.00
_cell.angle_gamma   90.00
#
_symmetry.space_group_name_H-M   'P 21 21 21'
#
loop_
_entity.id
_entity.type
_entity.pdbx_description
1 polymer '3-OXOACYL-[ACYL-CARRIER-PROTEIN] REDUCTASE FABG'
2 non-polymer 2-(3-(trifluoromethyl)anilino)pyridine-3-sulfonamide
3 non-polymer 'NICKEL (II) ION'
4 water water
#
_entity_poly.entity_id   1
_entity_poly.type   'polypeptide(L)'
_entity_poly.pdbx_seq_one_letter_code
;MHHHHHHSSGVDLGTENLYFQSMSLQGKVALVTGASRGIGQAIALELGRLGAVVIGTATSASGAEKIAETLKANGVEGAG
LVLDVSSDESVAATLEHIQQHLGQPLIVVNNAGITRDNLLVRMKDDEWFDVVNTNLNSLYRLSKAVLRGMTKARWGRIIN
IGSVVGAMGNAGQTNYAAAKAGLEGFTRALAREVGSRAITVNAVAPGFIDTDMTRELPEAQREALLGQIPLGRLGQAEEI
AKVVGFLASDGAAYVTGATVPVNGGMYMS
;
_entity_poly.pdbx_strand_id   A,B,C,D
#
# COMPACT_ATOMS: atom_id res chain seq x y z
N MET A 23 -5.54 -21.16 -22.04
CA MET A 23 -6.83 -20.45 -22.31
C MET A 23 -8.05 -21.39 -22.13
N SER A 24 -7.95 -22.64 -22.57
CA SER A 24 -9.10 -23.56 -22.51
C SER A 24 -9.58 -23.96 -21.10
N LEU A 25 -10.88 -23.79 -20.89
CA LEU A 25 -11.56 -24.22 -19.66
C LEU A 25 -12.52 -25.36 -19.95
N GLN A 26 -12.23 -26.08 -21.01
CA GLN A 26 -13.09 -27.14 -21.46
C GLN A 26 -13.22 -28.23 -20.40
N GLY A 27 -14.45 -28.62 -20.14
CA GLY A 27 -14.74 -29.66 -19.16
C GLY A 27 -14.67 -29.17 -17.72
N LYS A 28 -14.65 -27.86 -17.52
CA LYS A 28 -14.72 -27.29 -16.19
C LYS A 28 -16.09 -26.67 -15.98
N VAL A 29 -16.58 -26.84 -14.76
CA VAL A 29 -17.82 -26.28 -14.30
C VAL A 29 -17.50 -25.01 -13.55
N ALA A 30 -18.14 -23.91 -13.96
CA ALA A 30 -17.89 -22.61 -13.36
C ALA A 30 -19.16 -22.00 -12.81
N LEU A 31 -19.10 -21.53 -11.58
CA LEU A 31 -20.22 -20.88 -10.90
C LEU A 31 -19.97 -19.38 -10.89
N VAL A 32 -20.91 -18.61 -11.41
CA VAL A 32 -20.83 -17.15 -11.39
C VAL A 32 -22.08 -16.62 -10.69
N THR A 33 -21.90 -15.99 -9.53
CA THR A 33 -23.01 -15.35 -8.82
C THR A 33 -23.32 -13.97 -9.44
N GLY A 34 -24.57 -13.52 -9.38
CA GLY A 34 -24.93 -12.21 -9.90
C GLY A 34 -24.72 -12.11 -11.39
N ALA A 35 -25.14 -13.14 -12.11
CA ALA A 35 -24.87 -13.26 -13.54
C ALA A 35 -25.95 -12.73 -14.49
N SER A 36 -26.95 -12.04 -13.99
CA SER A 36 -28.10 -11.71 -14.84
C SER A 36 -27.92 -10.46 -15.71
N ARG A 37 -26.97 -9.61 -15.34
CA ARG A 37 -26.70 -8.42 -16.10
C ARG A 37 -25.27 -7.97 -15.90
N GLY A 38 -24.89 -6.96 -16.66
CA GLY A 38 -23.66 -6.23 -16.46
C GLY A 38 -22.46 -7.11 -16.44
N ILE A 39 -21.62 -6.92 -15.44
CA ILE A 39 -20.33 -7.58 -15.36
C ILE A 39 -20.47 -9.09 -15.18
N GLY A 40 -21.42 -9.50 -14.35
CA GLY A 40 -21.64 -10.94 -14.09
C GLY A 40 -22.02 -11.72 -15.35
N GLN A 41 -22.95 -11.20 -16.10
CA GLN A 41 -23.32 -11.77 -17.37
C GLN A 41 -22.11 -11.90 -18.29
N ALA A 42 -21.33 -10.83 -18.42
CA ALA A 42 -20.15 -10.87 -19.30
C ALA A 42 -19.13 -11.93 -18.82
N ILE A 43 -18.88 -12.00 -17.54
CA ILE A 43 -18.05 -13.10 -17.02
C ILE A 43 -18.64 -14.49 -17.34
N ALA A 44 -19.95 -14.65 -17.21
CA ALA A 44 -20.60 -15.92 -17.61
C ALA A 44 -20.39 -16.25 -19.06
N LEU A 45 -20.51 -15.26 -19.95
CA LEU A 45 -20.35 -15.49 -21.38
C LEU A 45 -18.90 -15.70 -21.77
N GLU A 46 -17.96 -14.97 -21.17
CA GLU A 46 -16.54 -15.17 -21.48
C GLU A 46 -16.05 -16.54 -21.07
N LEU A 47 -16.43 -16.99 -19.88
CA LEU A 47 -16.08 -18.32 -19.43
C LEU A 47 -16.66 -19.37 -20.35
N GLY A 48 -17.92 -19.21 -20.72
CA GLY A 48 -18.55 -20.14 -21.66
C GLY A 48 -17.81 -20.18 -22.98
N ARG A 49 -17.45 -19.00 -23.49
CA ARG A 49 -16.71 -18.87 -24.71
C ARG A 49 -15.36 -19.60 -24.64
N LEU A 50 -14.73 -19.60 -23.48
CA LEU A 50 -13.50 -20.41 -23.25
C LEU A 50 -13.82 -21.91 -22.99
N GLY A 51 -15.10 -22.28 -22.99
CA GLY A 51 -15.48 -23.69 -23.03
C GLY A 51 -15.87 -24.29 -21.70
N ALA A 52 -16.06 -23.46 -20.68
CA ALA A 52 -16.57 -24.00 -19.42
C ALA A 52 -18.09 -24.23 -19.50
N VAL A 53 -18.56 -25.16 -18.67
CA VAL A 53 -19.98 -25.27 -18.34
C VAL A 53 -20.27 -24.23 -17.28
N VAL A 54 -21.19 -23.30 -17.56
CA VAL A 54 -21.42 -22.11 -16.72
C VAL A 54 -22.73 -22.14 -15.98
N ILE A 55 -22.67 -21.99 -14.68
CA ILE A 55 -23.85 -21.89 -13.85
C ILE A 55 -23.93 -20.49 -13.37
N GLY A 56 -24.97 -19.78 -13.76
CA GLY A 56 -25.15 -18.40 -13.32
C GLY A 56 -26.26 -18.37 -12.28
N THR A 57 -26.17 -17.43 -11.36
CA THR A 57 -27.17 -17.33 -10.32
C THR A 57 -27.74 -15.95 -10.18
N ALA A 58 -28.96 -15.94 -9.68
CA ALA A 58 -29.67 -14.73 -9.38
C ALA A 58 -30.45 -14.97 -8.13
N THR A 59 -30.96 -13.89 -7.57
CA THR A 59 -31.70 -13.97 -6.31
C THR A 59 -33.20 -14.17 -6.54
N SER A 60 -33.63 -14.25 -7.81
CA SER A 60 -35.04 -14.49 -8.14
C SER A 60 -35.16 -15.54 -9.24
N ALA A 61 -36.32 -16.17 -9.31
CA ALA A 61 -36.66 -17.11 -10.38
C ALA A 61 -36.65 -16.45 -11.77
N SER A 62 -37.18 -15.23 -11.91
CA SER A 62 -37.20 -14.61 -13.25
C SER A 62 -35.80 -14.24 -13.75
N GLY A 63 -34.94 -13.79 -12.85
CA GLY A 63 -33.55 -13.57 -13.16
C GLY A 63 -32.83 -14.85 -13.56
N ALA A 64 -33.08 -15.93 -12.82
CA ALA A 64 -32.44 -17.23 -13.10
C ALA A 64 -32.84 -17.79 -14.43
N GLU A 65 -34.09 -17.55 -14.80
CA GLU A 65 -34.58 -17.97 -16.09
C GLU A 65 -34.00 -17.10 -17.23
N LYS A 66 -33.79 -15.81 -17.00
CA LYS A 66 -33.18 -14.96 -18.03
C LYS A 66 -31.73 -15.36 -18.29
N ILE A 67 -31.07 -15.84 -17.23
CA ILE A 67 -29.70 -16.31 -17.32
C ILE A 67 -29.66 -17.54 -18.24
N ALA A 68 -30.54 -18.50 -18.00
CA ALA A 68 -30.61 -19.69 -18.86
C ALA A 68 -30.83 -19.37 -20.32
N GLU A 69 -31.67 -18.38 -20.60
CA GLU A 69 -31.99 -18.00 -21.98
C GLU A 69 -30.87 -17.24 -22.66
N THR A 70 -30.18 -16.42 -21.89
CA THR A 70 -28.97 -15.74 -22.37
C THR A 70 -27.85 -16.73 -22.69
N LEU A 71 -27.59 -17.68 -21.79
CA LEU A 71 -26.59 -18.72 -22.04
C LEU A 71 -26.93 -19.51 -23.32
N LYS A 72 -28.21 -19.83 -23.48
CA LYS A 72 -28.65 -20.61 -24.61
C LYS A 72 -28.42 -19.84 -25.90
N ALA A 73 -28.80 -18.55 -25.91
CA ALA A 73 -28.61 -17.71 -27.10
C ALA A 73 -27.16 -17.54 -27.51
N ASN A 74 -26.23 -17.72 -26.58
CA ASN A 74 -24.81 -17.68 -26.90
C ASN A 74 -24.17 -19.09 -26.97
N GLY A 75 -24.99 -20.13 -26.93
CA GLY A 75 -24.52 -21.50 -27.12
C GLY A 75 -23.73 -22.07 -25.96
N VAL A 76 -23.93 -21.50 -24.80
CA VAL A 76 -23.20 -21.90 -23.62
C VAL A 76 -24.03 -22.93 -22.89
N GLU A 77 -23.44 -24.12 -22.69
CA GLU A 77 -24.05 -25.16 -21.85
C GLU A 77 -23.97 -24.66 -20.43
N GLY A 78 -25.07 -24.76 -19.73
CA GLY A 78 -25.07 -24.43 -18.31
C GLY A 78 -26.44 -24.39 -17.68
N ALA A 79 -26.60 -23.49 -16.71
CA ALA A 79 -27.87 -23.38 -16.01
C ALA A 79 -28.04 -22.04 -15.35
N GLY A 80 -29.29 -21.65 -15.13
CA GLY A 80 -29.62 -20.54 -14.28
C GLY A 80 -30.18 -21.10 -13.00
N LEU A 81 -29.81 -20.53 -11.87
CA LEU A 81 -30.18 -21.07 -10.56
CA LEU A 81 -30.17 -21.06 -10.57
C LEU A 81 -30.49 -19.94 -9.59
N VAL A 82 -31.31 -20.26 -8.58
CA VAL A 82 -31.62 -19.26 -7.57
C VAL A 82 -30.70 -19.50 -6.41
N LEU A 83 -29.94 -18.46 -6.08
CA LEU A 83 -28.99 -18.53 -4.99
C LEU A 83 -29.09 -17.23 -4.21
N ASP A 84 -29.12 -17.38 -2.89
CA ASP A 84 -29.03 -16.27 -1.99
C ASP A 84 -27.78 -16.52 -1.15
N VAL A 85 -26.73 -15.76 -1.45
CA VAL A 85 -25.41 -15.97 -0.87
C VAL A 85 -25.41 -15.70 0.62
N SER A 86 -26.39 -14.94 1.09
CA SER A 86 -26.51 -14.64 2.50
C SER A 86 -27.03 -15.78 3.38
N SER A 87 -27.42 -16.93 2.82
CA SER A 87 -27.99 -17.99 3.65
C SER A 87 -27.35 -19.35 3.43
N ASP A 88 -27.02 -20.02 4.54
CA ASP A 88 -26.37 -21.33 4.50
C ASP A 88 -27.19 -22.41 3.80
N GLU A 89 -28.51 -22.37 3.99
CA GLU A 89 -29.39 -23.37 3.43
C GLU A 89 -29.46 -23.23 1.92
N SER A 90 -29.60 -21.99 1.44
CA SER A 90 -29.59 -21.74 0.00
C SER A 90 -28.28 -22.18 -0.65
N VAL A 91 -27.15 -21.91 0.00
CA VAL A 91 -25.84 -22.27 -0.53
C VAL A 91 -25.65 -23.79 -0.59
N ALA A 92 -25.90 -24.47 0.52
CA ALA A 92 -25.72 -25.93 0.59
C ALA A 92 -26.58 -26.66 -0.42
N ALA A 93 -27.84 -26.24 -0.53
CA ALA A 93 -28.80 -26.87 -1.44
C ALA A 93 -28.39 -26.66 -2.89
N THR A 94 -27.93 -25.45 -3.18
CA THR A 94 -27.56 -25.10 -4.54
C THR A 94 -26.36 -25.94 -5.00
N LEU A 95 -25.42 -26.18 -4.10
CA LEU A 95 -24.25 -26.96 -4.50
C LEU A 95 -24.60 -28.41 -4.73
N GLU A 96 -25.38 -29.00 -3.85
CA GLU A 96 -25.89 -30.36 -4.03
C GLU A 96 -26.62 -30.55 -5.35
N HIS A 97 -27.46 -29.57 -5.67
CA HIS A 97 -28.21 -29.57 -6.93
C HIS A 97 -27.22 -29.56 -8.10
N ILE A 98 -26.18 -28.74 -8.02
CA ILE A 98 -25.20 -28.65 -9.07
C ILE A 98 -24.40 -29.94 -9.19
N GLN A 99 -23.95 -30.46 -8.06
CA GLN A 99 -23.16 -31.69 -8.03
C GLN A 99 -23.93 -32.83 -8.69
N GLN A 100 -25.18 -32.96 -8.29
CA GLN A 100 -26.10 -33.99 -8.80
C GLN A 100 -26.31 -33.92 -10.31
N HIS A 101 -26.50 -32.71 -10.85
CA HIS A 101 -26.84 -32.53 -12.26
C HIS A 101 -25.61 -32.30 -13.16
N LEU A 102 -24.58 -31.59 -12.69
CA LEU A 102 -23.45 -31.17 -13.55
C LEU A 102 -22.03 -31.54 -13.10
N GLY A 103 -21.81 -31.68 -11.79
CA GLY A 103 -20.46 -31.91 -11.26
C GLY A 103 -20.03 -30.83 -10.28
N GLN A 104 -18.79 -30.89 -9.81
CA GLN A 104 -18.27 -29.93 -8.83
C GLN A 104 -17.81 -28.68 -9.51
N PRO A 105 -18.26 -27.53 -9.03
CA PRO A 105 -17.77 -26.28 -9.58
C PRO A 105 -16.35 -26.00 -9.07
N LEU A 106 -15.39 -25.89 -9.99
CA LEU A 106 -13.98 -25.68 -9.63
C LEU A 106 -13.55 -24.26 -9.96
N ILE A 107 -14.40 -23.51 -10.66
CA ILE A 107 -14.22 -22.09 -10.88
C ILE A 107 -15.42 -21.41 -10.28
N VAL A 108 -15.17 -20.50 -9.34
CA VAL A 108 -16.23 -19.77 -8.67
C VAL A 108 -15.92 -18.28 -8.68
N VAL A 109 -16.79 -17.51 -9.31
CA VAL A 109 -16.69 -16.07 -9.39
C VAL A 109 -17.76 -15.45 -8.54
N ASN A 110 -17.33 -14.76 -7.51
CA ASN A 110 -18.24 -14.11 -6.56
C ASN A 110 -18.43 -12.72 -7.05
N ASN A 111 -19.57 -12.48 -7.67
CA ASN A 111 -19.83 -11.17 -8.18
C ASN A 111 -21.03 -10.51 -7.56
N LYS A 124 -29.48 0.88 9.20
CA LYS A 124 -29.04 1.71 8.07
C LYS A 124 -27.93 2.75 8.42
N ASP A 125 -27.67 3.03 9.69
CA ASP A 125 -26.40 3.72 10.05
C ASP A 125 -25.17 2.89 9.72
N ASP A 126 -24.04 3.57 9.54
CA ASP A 126 -22.71 2.94 9.46
C ASP A 126 -22.74 1.77 8.51
N GLU A 127 -23.01 2.08 7.24
CA GLU A 127 -23.08 1.06 6.22
C GLU A 127 -21.67 0.61 5.83
N TRP A 128 -20.69 1.50 6.00
CA TRP A 128 -19.29 1.17 5.77
C TRP A 128 -18.79 0.01 6.65
N PHE A 129 -19.49 -0.30 7.75
CA PHE A 129 -19.17 -1.44 8.63
C PHE A 129 -20.07 -2.66 8.43
N ASP A 130 -21.38 -2.46 8.53
CA ASP A 130 -22.33 -3.57 8.57
C ASP A 130 -22.48 -4.26 7.22
N VAL A 131 -22.74 -3.47 6.20
CA VAL A 131 -22.87 -4.00 4.86
C VAL A 131 -21.62 -4.75 4.43
N VAL A 132 -20.50 -4.07 4.51
CA VAL A 132 -19.22 -4.62 4.10
C VAL A 132 -18.92 -5.98 4.77
N ASN A 133 -19.13 -6.02 6.07
CA ASN A 133 -18.90 -7.23 6.87
C ASN A 133 -19.88 -8.37 6.57
N THR A 134 -21.12 -8.01 6.28
CA THR A 134 -22.08 -8.97 5.78
C THR A 134 -21.64 -9.55 4.44
N ASN A 135 -21.22 -8.70 3.51
CA ASN A 135 -20.73 -9.17 2.19
C ASN A 135 -19.50 -10.09 2.28
N LEU A 136 -18.59 -9.81 3.21
CA LEU A 136 -17.43 -10.67 3.42
C LEU A 136 -17.88 -12.00 4.04
N ASN A 137 -18.92 -12.01 4.85
CA ASN A 137 -19.46 -13.30 5.32
C ASN A 137 -20.01 -14.13 4.21
N SER A 138 -20.60 -13.48 3.21
CA SER A 138 -21.13 -14.20 2.07
C SER A 138 -20.00 -14.78 1.26
N LEU A 139 -19.00 -13.96 0.96
CA LEU A 139 -17.82 -14.45 0.26
C LEU A 139 -17.29 -15.66 1.02
N TYR A 140 -17.06 -15.51 2.33
CA TYR A 140 -16.48 -16.60 3.12
C TYR A 140 -17.36 -17.88 3.11
N ARG A 141 -18.65 -17.71 3.40
CA ARG A 141 -19.64 -18.77 3.38
C ARG A 141 -19.63 -19.57 2.08
N LEU A 142 -19.64 -18.88 0.95
CA LEU A 142 -19.66 -19.54 -0.35
C LEU A 142 -18.32 -20.24 -0.63
N SER A 143 -17.24 -19.55 -0.33
CA SER A 143 -15.89 -20.04 -0.61
C SER A 143 -15.65 -21.31 0.17
N LYS A 144 -16.01 -21.31 1.44
CA LYS A 144 -15.85 -22.48 2.29
C LYS A 144 -16.66 -23.65 1.78
N ALA A 145 -17.85 -23.38 1.25
CA ALA A 145 -18.70 -24.44 0.72
C ALA A 145 -18.07 -25.09 -0.51
N VAL A 146 -17.57 -24.28 -1.44
CA VAL A 146 -16.98 -24.84 -2.67
C VAL A 146 -15.56 -25.39 -2.51
N LEU A 147 -14.91 -25.15 -1.38
CA LEU A 147 -13.56 -25.66 -1.17
C LEU A 147 -13.46 -27.17 -1.03
N ARG A 148 -14.45 -27.83 -0.44
CA ARG A 148 -14.34 -29.29 -0.32
C ARG A 148 -14.15 -29.90 -1.71
N GLY A 149 -14.97 -29.46 -2.66
CA GLY A 149 -14.85 -29.93 -4.04
C GLY A 149 -13.48 -29.71 -4.65
N MET A 150 -12.89 -28.56 -4.37
CA MET A 150 -11.64 -28.17 -5.01
C MET A 150 -10.48 -28.86 -4.34
N THR A 151 -10.57 -29.03 -3.02
CA THR A 151 -9.63 -29.86 -2.28
C THR A 151 -9.58 -31.27 -2.88
N LYS A 152 -10.73 -31.91 -2.98
CA LYS A 152 -10.83 -33.22 -3.65
C LYS A 152 -10.13 -33.25 -5.01
N ALA A 153 -10.33 -32.22 -5.82
CA ALA A 153 -9.75 -32.21 -7.17
C ALA A 153 -8.28 -31.78 -7.20
N ARG A 154 -7.79 -31.24 -6.09
CA ARG A 154 -6.47 -30.61 -6.02
C ARG A 154 -6.34 -29.53 -7.10
N TRP A 155 -7.40 -28.77 -7.28
CA TRP A 155 -7.42 -27.75 -8.29
C TRP A 155 -8.62 -26.84 -8.08
N GLY A 156 -8.42 -25.55 -8.28
CA GLY A 156 -9.51 -24.62 -8.12
C GLY A 156 -9.13 -23.19 -8.40
N ARG A 157 -10.18 -22.40 -8.66
CA ARG A 157 -10.08 -20.98 -8.91
C ARG A 157 -11.23 -20.29 -8.17
N ILE A 158 -10.87 -19.35 -7.31
CA ILE A 158 -11.84 -18.45 -6.71
C ILE A 158 -11.46 -17.03 -7.11
N ILE A 159 -12.41 -16.33 -7.70
CA ILE A 159 -12.19 -14.97 -8.16
C ILE A 159 -13.29 -14.10 -7.63
N ASN A 160 -12.92 -13.04 -6.90
CA ASN A 160 -13.85 -12.09 -6.33
C ASN A 160 -13.86 -10.75 -7.11
N ILE A 161 -15.06 -10.28 -7.44
CA ILE A 161 -15.21 -9.06 -8.15
C ILE A 161 -15.63 -8.00 -7.16
N GLY A 162 -14.87 -6.92 -7.07
CA GLY A 162 -15.19 -5.81 -6.21
C GLY A 162 -16.18 -4.90 -6.85
N SER A 163 -16.52 -3.80 -6.18
CA SER A 163 -17.59 -2.94 -6.68
C SER A 163 -17.11 -1.97 -7.71
N VAL A 164 -18.01 -1.60 -8.61
CA VAL A 164 -17.78 -0.51 -9.53
C VAL A 164 -17.91 0.89 -8.88
N VAL A 165 -17.16 1.84 -9.42
CA VAL A 165 -17.19 3.26 -9.02
C VAL A 165 -18.49 3.94 -9.46
N GLY A 166 -19.18 4.62 -8.56
CA GLY A 166 -20.56 4.99 -8.84
C GLY A 166 -21.21 5.50 -7.58
N GLY A 169 -20.53 10.11 -3.17
CA GLY A 169 -20.34 11.46 -2.69
C GLY A 169 -19.51 11.42 -1.40
N ASN A 170 -20.17 11.68 -0.28
CA ASN A 170 -19.57 11.67 1.06
C ASN A 170 -19.90 10.34 1.75
N ALA A 171 -21.20 10.01 1.80
CA ALA A 171 -21.69 8.72 2.27
C ALA A 171 -21.13 7.59 1.38
N GLY A 172 -21.26 7.77 0.06
CA GLY A 172 -20.69 6.87 -0.92
C GLY A 172 -19.26 6.42 -0.63
N GLN A 173 -18.33 7.38 -0.60
CA GLN A 173 -16.90 7.05 -0.70
C GLN A 173 -16.24 6.26 0.46
N THR A 174 -16.69 6.52 1.69
CA THR A 174 -16.22 5.74 2.82
C THR A 174 -16.57 4.29 2.67
N ASN A 175 -17.75 4.03 2.14
CA ASN A 175 -18.21 2.67 1.95
C ASN A 175 -17.39 2.01 0.83
N TYR A 176 -17.20 2.75 -0.25
CA TYR A 176 -16.45 2.24 -1.41
C TYR A 176 -15.02 1.83 -1.01
N ALA A 177 -14.36 2.70 -0.25
CA ALA A 177 -12.98 2.48 0.16
C ALA A 177 -12.86 1.35 1.20
N ALA A 178 -13.83 1.21 2.07
CA ALA A 178 -13.85 0.08 3.05
C ALA A 178 -14.08 -1.25 2.39
N ALA A 179 -15.02 -1.28 1.45
CA ALA A 179 -15.27 -2.47 0.63
C ALA A 179 -14.02 -2.94 -0.07
N LYS A 180 -13.37 -2.02 -0.77
CA LYS A 180 -12.17 -2.34 -1.56
C LYS A 180 -11.01 -2.88 -0.69
N ALA A 181 -10.78 -2.24 0.46
CA ALA A 181 -9.75 -2.69 1.38
C ALA A 181 -10.07 -4.06 2.03
N GLY A 182 -11.34 -4.29 2.34
CA GLY A 182 -11.76 -5.56 2.88
C GLY A 182 -11.62 -6.67 1.85
N LEU A 183 -11.92 -6.35 0.60
CA LEU A 183 -11.77 -7.35 -0.45
C LEU A 183 -10.30 -7.76 -0.67
N GLU A 184 -9.41 -6.78 -0.73
CA GLU A 184 -7.98 -7.10 -0.89
C GLU A 184 -7.45 -7.99 0.20
N GLY A 185 -7.77 -7.61 1.42
CA GLY A 185 -7.26 -8.31 2.58
C GLY A 185 -7.84 -9.71 2.64
N PHE A 186 -9.14 -9.83 2.37
CA PHE A 186 -9.83 -11.09 2.44
C PHE A 186 -9.24 -12.04 1.44
N THR A 187 -8.97 -11.52 0.26
CA THR A 187 -8.45 -12.31 -0.84
C THR A 187 -7.04 -12.80 -0.53
N ARG A 188 -6.26 -11.93 0.10
CA ARG A 188 -4.87 -12.26 0.39
C ARG A 188 -4.81 -13.34 1.47
N ALA A 189 -5.73 -13.25 2.42
CA ALA A 189 -5.76 -14.17 3.55
C ALA A 189 -6.23 -15.54 3.10
N LEU A 190 -7.31 -15.59 2.32
CA LEU A 190 -7.85 -16.86 1.90
C LEU A 190 -6.89 -17.57 0.97
N ALA A 191 -6.25 -16.83 0.09
CA ALA A 191 -5.20 -17.38 -0.76
C ALA A 191 -4.15 -18.13 0.05
N ARG A 192 -3.81 -17.58 1.21
CA ARG A 192 -2.82 -18.23 2.09
C ARG A 192 -3.36 -19.50 2.71
N GLU A 193 -4.62 -19.46 3.11
CA GLU A 193 -5.26 -20.59 3.73
C GLU A 193 -5.42 -21.77 2.79
N VAL A 194 -5.59 -21.54 1.49
CA VAL A 194 -5.90 -22.64 0.56
C VAL A 194 -4.87 -22.83 -0.56
N GLY A 195 -3.74 -22.15 -0.47
CA GLY A 195 -2.66 -22.30 -1.45
C GLY A 195 -2.17 -23.73 -1.60
N SER A 196 -1.88 -24.39 -0.49
CA SER A 196 -1.21 -25.67 -0.57
C SER A 196 -2.00 -26.70 -1.38
N ARG A 197 -3.30 -26.46 -1.58
CA ARG A 197 -4.15 -27.38 -2.35
C ARG A 197 -4.25 -27.05 -3.84
N ALA A 198 -3.39 -26.15 -4.33
CA ALA A 198 -3.41 -25.68 -5.75
C ALA A 198 -4.73 -24.98 -6.14
N ILE A 199 -5.27 -24.24 -5.19
CA ILE A 199 -6.38 -23.36 -5.42
C ILE A 199 -5.87 -21.90 -5.40
N THR A 200 -6.09 -21.16 -6.48
CA THR A 200 -5.75 -19.72 -6.46
C THR A 200 -6.97 -18.91 -6.07
N VAL A 201 -6.71 -17.83 -5.33
CA VAL A 201 -7.76 -16.90 -4.93
C VAL A 201 -7.31 -15.51 -5.32
N ASN A 202 -8.12 -14.83 -6.11
CA ASN A 202 -7.75 -13.54 -6.65
C ASN A 202 -8.95 -12.65 -6.71
N ALA A 203 -8.69 -11.37 -6.94
CA ALA A 203 -9.72 -10.39 -7.00
C ALA A 203 -9.52 -9.43 -8.13
N VAL A 204 -10.62 -8.87 -8.60
CA VAL A 204 -10.59 -7.91 -9.67
C VAL A 204 -11.29 -6.67 -9.16
N ALA A 205 -10.55 -5.57 -9.16
CA ALA A 205 -11.07 -4.29 -8.70
C ALA A 205 -11.39 -3.44 -9.92
N PRO A 206 -12.65 -3.43 -10.34
CA PRO A 206 -12.99 -2.62 -11.50
C PRO A 206 -12.99 -1.16 -11.17
N GLY A 207 -12.80 -0.33 -12.19
CA GLY A 207 -12.92 1.12 -12.06
C GLY A 207 -14.28 1.55 -12.54
N PHE A 208 -14.31 2.53 -13.44
CA PHE A 208 -15.56 3.06 -13.98
C PHE A 208 -15.98 2.33 -15.26
N ILE A 209 -16.94 1.44 -15.10
CA ILE A 209 -17.36 0.53 -16.14
C ILE A 209 -18.72 0.95 -16.64
N ASP A 210 -18.97 0.73 -17.92
CA ASP A 210 -20.27 1.03 -18.48
C ASP A 210 -21.31 -0.07 -18.18
N THR A 211 -22.13 0.13 -17.15
CA THR A 211 -23.21 -0.79 -16.79
C THR A 211 -24.46 0.00 -16.48
N ASP A 212 -25.57 -0.69 -16.31
CA ASP A 212 -26.85 -0.01 -16.06
C ASP A 212 -26.85 0.89 -14.81
N MET A 213 -26.13 0.47 -13.76
CA MET A 213 -25.85 1.30 -12.58
C MET A 213 -25.31 2.68 -12.97
N THR A 214 -24.21 2.65 -13.70
CA THR A 214 -23.41 3.83 -13.95
C THR A 214 -23.96 4.70 -15.09
N ARG A 215 -24.81 4.14 -15.94
CA ARG A 215 -25.48 4.91 -16.98
C ARG A 215 -26.47 5.93 -16.40
N GLU A 216 -26.86 5.72 -15.15
CA GLU A 216 -27.89 6.55 -14.52
C GLU A 216 -27.39 7.31 -13.30
N LEU A 217 -26.08 7.56 -13.29
CA LEU A 217 -25.50 8.64 -12.50
C LEU A 217 -25.70 9.91 -13.30
N PRO A 218 -25.91 11.04 -12.62
CA PRO A 218 -26.10 12.32 -13.30
C PRO A 218 -24.91 12.74 -14.17
N GLU A 219 -25.19 13.32 -15.33
CA GLU A 219 -24.13 13.58 -16.32
C GLU A 219 -22.97 14.41 -15.81
N ALA A 220 -23.23 15.33 -14.89
CA ALA A 220 -22.15 16.11 -14.29
C ALA A 220 -21.18 15.21 -13.53
N GLN A 221 -21.70 14.32 -12.71
CA GLN A 221 -20.90 13.35 -11.99
C GLN A 221 -20.18 12.38 -12.95
N ARG A 222 -20.80 12.03 -14.07
CA ARG A 222 -20.18 11.16 -15.07
C ARG A 222 -18.99 11.86 -15.74
N GLU A 223 -19.17 13.10 -16.16
CA GLU A 223 -18.12 13.86 -16.81
C GLU A 223 -16.95 14.09 -15.84
N ALA A 224 -17.25 14.27 -14.56
CA ALA A 224 -16.24 14.42 -13.52
C ALA A 224 -15.31 13.21 -13.48
N LEU A 225 -15.90 12.02 -13.60
CA LEU A 225 -15.13 10.78 -13.56
C LEU A 225 -14.27 10.60 -14.80
N LEU A 226 -14.82 10.87 -15.98
CA LEU A 226 -14.02 10.85 -17.24
C LEU A 226 -12.77 11.73 -17.24
N GLY A 227 -12.84 12.84 -16.51
CA GLY A 227 -11.68 13.70 -16.36
C GLY A 227 -10.54 13.06 -15.60
N GLN A 228 -10.88 12.16 -14.68
CA GLN A 228 -9.90 11.46 -13.83
C GLN A 228 -9.36 10.15 -14.41
N ILE A 229 -9.82 9.75 -15.58
CA ILE A 229 -9.36 8.46 -16.15
C ILE A 229 -8.38 8.68 -17.30
N PRO A 230 -7.11 8.25 -17.15
CA PRO A 230 -6.09 8.42 -18.15
C PRO A 230 -6.54 7.97 -19.55
N LEU A 231 -7.04 6.75 -19.67
CA LEU A 231 -7.54 6.34 -20.99
C LEU A 231 -8.71 7.22 -21.50
N GLY A 232 -9.34 7.99 -20.62
CA GLY A 232 -10.34 8.96 -21.01
C GLY A 232 -11.54 8.26 -21.59
N ARG A 233 -11.95 7.14 -21.00
CA ARG A 233 -13.13 6.45 -21.44
C ARG A 233 -13.56 5.46 -20.40
N LEU A 234 -14.85 5.17 -20.39
CA LEU A 234 -15.40 4.14 -19.51
C LEU A 234 -14.92 2.81 -19.98
N GLY A 235 -14.78 1.88 -19.04
CA GLY A 235 -14.48 0.51 -19.38
C GLY A 235 -15.71 -0.25 -19.77
N GLN A 236 -15.53 -1.26 -20.59
CA GLN A 236 -16.59 -2.17 -20.98
C GLN A 236 -16.64 -3.38 -20.04
N ALA A 237 -17.84 -3.93 -19.83
CA ALA A 237 -17.99 -5.12 -18.99
C ALA A 237 -17.10 -6.27 -19.46
N GLU A 238 -16.95 -6.39 -20.78
CA GLU A 238 -16.18 -7.47 -21.37
C GLU A 238 -14.70 -7.37 -21.00
N GLU A 239 -14.22 -6.16 -20.78
CA GLU A 239 -12.84 -5.94 -20.38
C GLU A 239 -12.56 -6.53 -18.98
N ILE A 240 -13.57 -6.54 -18.12
CA ILE A 240 -13.45 -7.18 -16.83
C ILE A 240 -13.46 -8.70 -16.99
N ALA A 241 -14.33 -9.18 -17.88
CA ALA A 241 -14.48 -10.60 -18.11
C ALA A 241 -13.22 -11.22 -18.63
N LYS A 242 -12.50 -10.50 -19.48
CA LYS A 242 -11.27 -11.00 -20.05
C LYS A 242 -10.26 -11.31 -18.97
N VAL A 243 -10.17 -10.42 -17.98
CA VAL A 243 -9.20 -10.59 -16.90
C VAL A 243 -9.57 -11.82 -16.06
N VAL A 244 -10.87 -11.99 -15.82
CA VAL A 244 -11.35 -13.07 -15.07
C VAL A 244 -11.05 -14.34 -15.85
N GLY A 245 -11.30 -14.29 -17.16
CA GLY A 245 -11.03 -15.44 -17.99
C GLY A 245 -9.59 -15.88 -17.88
N PHE A 246 -8.68 -14.94 -17.94
CA PHE A 246 -7.29 -15.27 -17.79
C PHE A 246 -6.98 -15.85 -16.41
N LEU A 247 -7.53 -15.26 -15.36
CA LEU A 247 -7.25 -15.73 -14.03
C LEU A 247 -7.76 -17.15 -13.81
N ALA A 248 -8.84 -17.51 -14.50
CA ALA A 248 -9.40 -18.84 -14.37
C ALA A 248 -8.53 -19.88 -15.07
N SER A 249 -7.68 -19.42 -15.99
CA SER A 249 -6.88 -20.33 -16.81
C SER A 249 -5.71 -21.01 -16.04
N ASP A 250 -5.13 -22.03 -16.67
CA ASP A 250 -3.88 -22.62 -16.24
C ASP A 250 -2.68 -21.68 -16.33
N GLY A 251 -2.70 -20.74 -17.27
CA GLY A 251 -1.64 -19.73 -17.36
C GLY A 251 -1.46 -18.84 -16.13
N ALA A 252 -2.47 -18.74 -15.29
CA ALA A 252 -2.41 -17.92 -14.07
C ALA A 252 -2.30 -18.79 -12.81
N ALA A 253 -1.74 -19.99 -12.94
CA ALA A 253 -1.59 -20.89 -11.79
C ALA A 253 -0.68 -20.35 -10.68
N TYR A 254 0.27 -19.48 -11.00
CA TYR A 254 1.17 -18.95 -9.99
C TYR A 254 0.76 -17.57 -9.45
N VAL A 255 -0.40 -17.08 -9.93
CA VAL A 255 -0.96 -15.87 -9.44
C VAL A 255 -2.00 -16.23 -8.40
N THR A 256 -1.76 -15.85 -7.15
CA THR A 256 -2.78 -15.96 -6.11
C THR A 256 -2.56 -14.91 -5.08
N GLY A 257 -3.66 -14.56 -4.42
CA GLY A 257 -3.68 -13.48 -3.43
C GLY A 257 -3.67 -12.10 -4.05
N ALA A 258 -3.80 -12.00 -5.37
CA ALA A 258 -3.63 -10.71 -6.02
C ALA A 258 -4.96 -10.03 -6.24
N THR A 259 -4.91 -8.70 -6.26
CA THR A 259 -6.05 -7.88 -6.71
C THR A 259 -5.62 -7.15 -7.94
N VAL A 260 -6.20 -7.49 -9.10
CA VAL A 260 -5.88 -6.84 -10.39
C VAL A 260 -6.81 -5.68 -10.60
N PRO A 261 -6.31 -4.48 -10.55
CA PRO A 261 -7.18 -3.31 -10.82
C PRO A 261 -7.41 -3.17 -12.30
N VAL A 262 -8.66 -2.95 -12.71
CA VAL A 262 -9.01 -2.83 -14.11
C VAL A 262 -9.79 -1.52 -14.26
N ASN A 263 -9.05 -0.41 -14.29
CA ASN A 263 -9.63 0.89 -14.04
C ASN A 263 -9.09 1.99 -14.94
N GLY A 264 -8.55 1.59 -16.08
CA GLY A 264 -8.05 2.54 -17.06
C GLY A 264 -7.06 3.54 -16.52
N GLY A 265 -6.41 3.22 -15.41
CA GLY A 265 -5.42 4.15 -14.86
C GLY A 265 -5.88 5.08 -13.78
N MET A 266 -7.17 5.11 -13.49
CA MET A 266 -7.68 5.82 -12.34
C MET A 266 -7.48 5.01 -11.05
N TYR A 267 -6.56 5.45 -10.20
CA TYR A 267 -6.37 4.81 -8.88
C TYR A 267 -6.84 5.67 -7.69
N MET A 268 -7.61 5.04 -6.79
CA MET A 268 -8.22 5.74 -5.65
C MET A 268 -7.86 5.08 -4.31
N SER A 269 -7.31 5.87 -3.38
CA SER A 269 -7.05 5.42 -2.01
C SER A 269 -7.80 6.31 -1.04
N SER B 24 0.76 17.81 27.16
CA SER B 24 -0.10 17.66 28.37
C SER B 24 -1.52 17.12 28.10
N LEU B 25 -1.87 16.10 28.84
CA LEU B 25 -3.22 15.51 28.81
C LEU B 25 -3.92 15.75 30.12
N GLN B 26 -3.52 16.80 30.80
CA GLN B 26 -4.07 17.12 32.10
C GLN B 26 -5.55 17.39 32.02
N GLY B 27 -6.31 16.75 32.91
CA GLY B 27 -7.76 16.93 32.96
C GLY B 27 -8.49 16.17 31.87
N LYS B 28 -7.82 15.20 31.27
CA LYS B 28 -8.47 14.29 30.37
C LYS B 28 -8.55 12.91 31.00
N VAL B 29 -9.68 12.27 30.74
CA VAL B 29 -9.98 10.95 31.18
C VAL B 29 -9.69 10.01 30.02
N ALA B 30 -8.87 8.99 30.26
CA ALA B 30 -8.46 8.08 29.23
C ALA B 30 -8.79 6.66 29.61
N LEU B 31 -9.39 5.95 28.67
CA LEU B 31 -9.75 4.57 28.85
C LEU B 31 -8.79 3.69 28.06
N VAL B 32 -8.17 2.73 28.73
CA VAL B 32 -7.27 1.80 28.09
C VAL B 32 -7.72 0.39 28.39
N THR B 33 -8.14 -0.34 27.35
CA THR B 33 -8.54 -1.72 27.52
C THR B 33 -7.34 -2.65 27.54
N GLY B 34 -7.44 -3.77 28.23
CA GLY B 34 -6.32 -4.71 28.26
C GLY B 34 -5.08 -4.14 28.91
N ALA B 35 -5.25 -3.46 30.04
CA ALA B 35 -4.20 -2.70 30.72
C ALA B 35 -3.45 -3.43 31.85
N SER B 36 -3.65 -4.73 32.05
CA SER B 36 -3.06 -5.42 33.22
C SER B 36 -1.63 -5.91 33.03
N ARG B 37 -1.18 -5.99 31.78
CA ARG B 37 0.22 -6.33 31.48
C ARG B 37 0.67 -5.75 30.15
N GLY B 38 1.96 -5.93 29.87
CA GLY B 38 2.50 -5.75 28.54
C GLY B 38 2.23 -4.36 28.03
N ILE B 39 1.78 -4.30 26.78
CA ILE B 39 1.64 -3.01 26.08
C ILE B 39 0.58 -2.11 26.70
N GLY B 40 -0.52 -2.72 27.13
CA GLY B 40 -1.62 -2.00 27.71
C GLY B 40 -1.21 -1.27 28.96
N GLN B 41 -0.52 -1.96 29.83
CA GLN B 41 -0.05 -1.37 31.08
C GLN B 41 0.83 -0.17 30.76
N ALA B 42 1.73 -0.34 29.81
CA ALA B 42 2.65 0.74 29.49
C ALA B 42 1.89 1.95 28.90
N ILE B 43 0.92 1.71 28.03
CA ILE B 43 0.09 2.81 27.56
C ILE B 43 -0.61 3.49 28.74
N ALA B 44 -1.12 2.69 29.68
CA ALA B 44 -1.77 3.28 30.86
C ALA B 44 -0.82 4.18 31.63
N LEU B 45 0.42 3.75 31.81
CA LEU B 45 1.37 4.51 32.59
C LEU B 45 1.84 5.73 31.85
N GLU B 46 2.07 5.61 30.55
CA GLU B 46 2.52 6.75 29.77
C GLU B 46 1.48 7.86 29.78
N LEU B 47 0.21 7.50 29.56
CA LEU B 47 -0.85 8.49 29.56
C LEU B 47 -0.98 9.17 30.92
N GLY B 48 -0.89 8.37 31.98
CA GLY B 48 -0.88 8.92 33.33
C GLY B 48 0.27 9.88 33.58
N ARG B 49 1.44 9.50 33.11
CA ARG B 49 2.64 10.33 33.18
C ARG B 49 2.42 11.69 32.46
N LEU B 50 1.67 11.69 31.38
CA LEU B 50 1.32 12.93 30.68
C LEU B 50 0.15 13.67 31.35
N GLY B 51 -0.37 13.11 32.44
CA GLY B 51 -1.32 13.81 33.30
C GLY B 51 -2.78 13.50 33.07
N ALA B 52 -3.09 12.48 32.30
CA ALA B 52 -4.48 12.06 32.18
C ALA B 52 -4.91 11.23 33.41
N VAL B 53 -6.21 11.27 33.68
CA VAL B 53 -6.85 10.31 34.61
C VAL B 53 -7.07 9.04 33.80
N VAL B 54 -6.50 7.93 34.28
CA VAL B 54 -6.48 6.69 33.51
C VAL B 54 -7.38 5.61 34.08
N ILE B 55 -8.26 5.09 33.24
CA ILE B 55 -9.06 3.94 33.60
C ILE B 55 -8.57 2.75 32.79
N GLY B 56 -8.05 1.76 33.48
CA GLY B 56 -7.57 0.56 32.82
C GLY B 56 -8.58 -0.54 33.04
N THR B 57 -8.67 -1.46 32.09
CA THR B 57 -9.62 -2.52 32.19
C THR B 57 -8.98 -3.90 32.01
N ALA B 58 -9.64 -4.89 32.62
CA ALA B 58 -9.27 -6.28 32.51
C ALA B 58 -10.55 -7.08 32.49
N THR B 59 -10.44 -8.35 32.17
CA THR B 59 -11.59 -9.23 32.04
C THR B 59 -11.87 -9.98 33.35
N SER B 60 -11.09 -9.73 34.39
CA SER B 60 -11.32 -10.31 35.71
C SER B 60 -11.17 -9.29 36.81
N ALA B 61 -11.80 -9.57 37.96
CA ALA B 61 -11.67 -8.75 39.15
C ALA B 61 -10.24 -8.69 39.69
N SER B 62 -9.51 -9.80 39.68
CA SER B 62 -8.14 -9.75 40.21
C SER B 62 -7.22 -8.91 39.31
N GLY B 63 -7.39 -9.02 37.98
CA GLY B 63 -6.68 -8.18 37.04
C GLY B 63 -7.00 -6.71 37.23
N ALA B 64 -8.28 -6.39 37.44
CA ALA B 64 -8.71 -5.01 37.65
C ALA B 64 -8.13 -4.39 38.92
N GLU B 65 -7.98 -5.21 39.95
CA GLU B 65 -7.32 -4.79 41.19
C GLU B 65 -5.84 -4.55 40.99
N LYS B 66 -5.19 -5.41 40.20
CA LYS B 66 -3.78 -5.23 39.97
C LYS B 66 -3.49 -3.93 39.21
N ILE B 67 -4.43 -3.55 38.34
CA ILE B 67 -4.33 -2.34 37.57
C ILE B 67 -4.38 -1.15 38.51
N ALA B 68 -5.34 -1.17 39.44
CA ALA B 68 -5.45 -0.09 40.43
C ALA B 68 -4.20 0.07 41.30
N GLU B 69 -3.57 -1.03 41.67
CA GLU B 69 -2.38 -1.00 42.51
C GLU B 69 -1.15 -0.53 41.75
N THR B 70 -1.08 -0.93 40.48
CA THR B 70 -0.03 -0.47 39.60
C THR B 70 -0.14 1.04 39.38
N LEU B 71 -1.33 1.55 39.08
CA LEU B 71 -1.54 2.99 38.87
C LEU B 71 -1.12 3.76 40.10
N LYS B 72 -1.49 3.22 41.26
CA LYS B 72 -1.18 3.89 42.52
C LYS B 72 0.31 3.94 42.75
N ALA B 73 1.00 2.83 42.54
CA ALA B 73 2.47 2.80 42.70
C ALA B 73 3.21 3.78 41.77
N ASN B 74 2.58 4.18 40.68
CA ASN B 74 3.21 5.14 39.79
C ASN B 74 2.61 6.54 39.91
N GLY B 75 1.76 6.73 40.93
CA GLY B 75 1.19 8.03 41.20
C GLY B 75 0.19 8.50 40.16
N VAL B 76 -0.44 7.56 39.47
CA VAL B 76 -1.45 7.89 38.51
C VAL B 76 -2.83 7.82 39.16
N GLU B 77 -3.58 8.92 39.03
CA GLU B 77 -5.00 8.95 39.41
C GLU B 77 -5.78 8.14 38.39
N GLY B 78 -6.63 7.24 38.87
CA GLY B 78 -7.48 6.49 37.97
C GLY B 78 -8.21 5.36 38.60
N ALA B 79 -8.45 4.32 37.84
CA ALA B 79 -9.20 3.18 38.33
C ALA B 79 -8.90 1.92 37.56
N GLY B 80 -9.14 0.77 38.20
CA GLY B 80 -9.19 -0.52 37.52
C GLY B 80 -10.61 -0.92 37.37
N LEU B 81 -10.98 -1.54 36.26
CA LEU B 81 -12.38 -1.84 35.96
C LEU B 81 -12.52 -3.15 35.23
N VAL B 82 -13.67 -3.81 35.37
CA VAL B 82 -13.88 -5.05 34.66
C VAL B 82 -14.68 -4.72 33.44
N LEU B 83 -14.13 -5.08 32.30
CA LEU B 83 -14.77 -4.81 31.02
C LEU B 83 -14.57 -6.01 30.14
N ASP B 84 -15.65 -6.38 29.48
CA ASP B 84 -15.62 -7.42 28.44
C ASP B 84 -16.11 -6.74 27.16
N VAL B 85 -15.16 -6.46 26.26
CA VAL B 85 -15.44 -5.65 25.07
C VAL B 85 -16.37 -6.36 24.11
N SER B 86 -16.49 -7.68 24.26
CA SER B 86 -17.36 -8.46 23.42
C SER B 86 -18.84 -8.37 23.76
N SER B 87 -19.24 -7.66 24.82
CA SER B 87 -20.67 -7.60 25.19
C SER B 87 -21.22 -6.18 25.40
N ASP B 88 -22.37 -5.91 24.81
CA ASP B 88 -22.98 -4.58 24.86
C ASP B 88 -23.33 -4.14 26.26
N GLU B 89 -23.76 -5.09 27.08
CA GLU B 89 -24.17 -4.79 28.45
C GLU B 89 -22.97 -4.40 29.29
N SER B 90 -21.87 -5.15 29.16
CA SER B 90 -20.64 -4.82 29.88
C SER B 90 -20.09 -3.45 29.48
N VAL B 91 -20.14 -3.13 28.19
CA VAL B 91 -19.68 -1.83 27.69
C VAL B 91 -20.55 -0.67 28.21
N ALA B 92 -21.85 -0.76 28.03
CA ALA B 92 -22.76 0.32 28.40
C ALA B 92 -22.63 0.62 29.89
N ALA B 93 -22.59 -0.44 30.69
CA ALA B 93 -22.56 -0.32 32.17
C ALA B 93 -21.27 0.30 32.64
N THR B 94 -20.18 -0.11 32.00
CA THR B 94 -18.89 0.41 32.35
C THR B 94 -18.78 1.92 32.04
N LEU B 95 -19.35 2.38 30.93
CA LEU B 95 -19.26 3.80 30.59
C LEU B 95 -20.07 4.67 31.51
N GLU B 96 -21.29 4.27 31.78
CA GLU B 96 -22.14 5.05 32.70
C GLU B 96 -21.51 5.11 34.10
N HIS B 97 -20.87 4.01 34.54
CA HIS B 97 -20.16 4.01 35.81
C HIS B 97 -18.98 5.02 35.78
N ILE B 98 -18.24 5.05 34.68
CA ILE B 98 -17.15 6.00 34.53
C ILE B 98 -17.64 7.44 34.45
N GLN B 99 -18.67 7.68 33.65
CA GLN B 99 -19.24 9.02 33.49
C GLN B 99 -19.68 9.58 34.83
N GLN B 100 -20.37 8.73 35.58
CA GLN B 100 -20.86 9.09 36.89
C GLN B 100 -19.79 9.50 37.87
N HIS B 101 -18.70 8.73 37.89
CA HIS B 101 -17.66 8.91 38.89
C HIS B 101 -16.51 9.81 38.44
N LEU B 102 -16.12 9.74 37.17
CA LEU B 102 -14.92 10.45 36.70
C LEU B 102 -15.11 11.44 35.56
N GLY B 103 -16.12 11.22 34.73
CA GLY B 103 -16.34 12.06 33.56
C GLY B 103 -16.33 11.23 32.29
N GLN B 104 -16.48 11.91 31.16
CA GLN B 104 -16.49 11.24 29.86
C GLN B 104 -15.06 10.90 29.44
N PRO B 105 -14.82 9.66 29.04
CA PRO B 105 -13.52 9.32 28.50
C PRO B 105 -13.37 9.86 27.09
N LEU B 106 -12.39 10.73 26.86
CA LEU B 106 -12.19 11.36 25.55
C LEU B 106 -10.95 10.82 24.83
N ILE B 107 -10.17 10.01 25.54
CA ILE B 107 -9.08 9.25 24.95
C ILE B 107 -9.37 7.77 25.21
N VAL B 108 -9.46 6.99 24.13
CA VAL B 108 -9.79 5.60 24.24
C VAL B 108 -8.80 4.81 23.44
N VAL B 109 -8.09 3.94 24.12
CA VAL B 109 -7.13 3.05 23.50
C VAL B 109 -7.66 1.61 23.55
N ASN B 110 -7.92 1.07 22.37
CA ASN B 110 -8.42 -0.27 22.24
C ASN B 110 -7.26 -1.17 22.10
N ASN B 111 -6.91 -1.86 23.16
CA ASN B 111 -5.79 -2.77 23.11
C ASN B 111 -6.24 -4.27 23.29
N ALA B 112 -7.37 -4.54 22.68
CA ALA B 112 -8.21 -5.64 23.12
C ALA B 112 -8.22 -6.89 22.21
N GLY B 113 -8.89 -7.92 22.71
CA GLY B 113 -9.18 -9.15 21.93
C GLY B 113 -7.95 -9.97 21.54
N GLU B 127 -9.65 -20.52 10.32
CA GLU B 127 -10.03 -19.91 11.61
C GLU B 127 -9.76 -18.38 11.74
N TRP B 128 -8.99 -17.80 10.82
CA TRP B 128 -8.66 -16.35 10.82
C TRP B 128 -9.86 -15.44 10.65
N PHE B 129 -10.94 -15.96 10.08
CA PHE B 129 -11.99 -15.07 9.62
C PHE B 129 -12.79 -14.65 10.82
N ASP B 130 -13.17 -15.63 11.63
CA ASP B 130 -14.01 -15.35 12.77
C ASP B 130 -13.31 -14.42 13.76
N VAL B 131 -12.05 -14.69 14.03
CA VAL B 131 -11.28 -13.88 14.98
C VAL B 131 -11.30 -12.41 14.59
N VAL B 132 -10.83 -12.13 13.38
CA VAL B 132 -10.68 -10.76 12.89
C VAL B 132 -12.00 -10.00 12.93
N ASN B 133 -13.03 -10.64 12.43
CA ASN B 133 -14.38 -10.13 12.51
C ASN B 133 -14.87 -9.83 13.92
N THR B 134 -14.57 -10.72 14.85
CA THR B 134 -14.95 -10.54 16.23
C THR B 134 -14.26 -9.33 16.77
N ASN B 135 -12.95 -9.22 16.53
CA ASN B 135 -12.19 -8.10 17.03
C ASN B 135 -12.69 -6.77 16.50
N LEU B 136 -13.10 -6.74 15.24
CA LEU B 136 -13.61 -5.51 14.65
C LEU B 136 -14.97 -5.16 15.21
N ASN B 137 -15.77 -6.15 15.55
CA ASN B 137 -17.02 -5.85 16.21
C ASN B 137 -16.81 -5.20 17.57
N SER B 138 -15.78 -5.63 18.27
CA SER B 138 -15.49 -5.08 19.59
C SER B 138 -15.01 -3.66 19.45
N LEU B 139 -14.08 -3.46 18.53
CA LEU B 139 -13.63 -2.11 18.20
C LEU B 139 -14.84 -1.23 17.92
N TYR B 140 -15.69 -1.66 17.01
CA TYR B 140 -16.83 -0.87 16.61
C TYR B 140 -17.75 -0.57 17.77
N ARG B 141 -18.12 -1.61 18.48
CA ARG B 141 -18.98 -1.52 19.63
C ARG B 141 -18.52 -0.51 20.66
N LEU B 142 -17.25 -0.58 21.03
CA LEU B 142 -16.69 0.33 22.03
C LEU B 142 -16.57 1.77 21.47
N SER B 143 -16.15 1.89 20.22
CA SER B 143 -15.96 3.20 19.59
C SER B 143 -17.26 3.98 19.50
N LYS B 144 -18.31 3.27 19.08
CA LYS B 144 -19.61 3.85 18.95
C LYS B 144 -20.15 4.29 20.29
N ALA B 145 -19.88 3.49 21.33
CA ALA B 145 -20.32 3.86 22.64
C ALA B 145 -19.65 5.18 23.11
N VAL B 146 -18.33 5.28 22.99
CA VAL B 146 -17.63 6.46 23.48
C VAL B 146 -17.73 7.73 22.58
N LEU B 147 -18.27 7.60 21.38
CA LEU B 147 -18.42 8.73 20.48
C LEU B 147 -19.42 9.77 20.95
N ARG B 148 -20.49 9.36 21.61
CA ARG B 148 -21.45 10.33 22.10
C ARG B 148 -20.77 11.37 22.96
N GLY B 149 -20.01 10.88 23.93
CA GLY B 149 -19.22 11.76 24.80
C GLY B 149 -18.30 12.71 24.05
N MET B 150 -17.66 12.22 23.00
CA MET B 150 -16.65 12.99 22.30
C MET B 150 -17.33 14.01 21.39
N THR B 151 -18.44 13.62 20.78
CA THR B 151 -19.25 14.52 20.01
C THR B 151 -19.64 15.69 20.89
N LYS B 152 -20.20 15.41 22.05
CA LYS B 152 -20.54 16.45 23.01
C LYS B 152 -19.39 17.41 23.27
N ALA B 153 -18.19 16.87 23.45
CA ALA B 153 -17.04 17.70 23.78
C ALA B 153 -16.43 18.42 22.56
N ARG B 154 -16.81 17.99 21.35
CA ARG B 154 -16.14 18.35 20.11
C ARG B 154 -14.65 18.09 20.17
N TRP B 155 -14.29 16.94 20.72
CA TRP B 155 -12.92 16.57 20.89
C TRP B 155 -12.82 15.11 21.23
N GLY B 156 -11.84 14.41 20.68
CA GLY B 156 -11.63 13.04 21.03
C GLY B 156 -10.44 12.41 20.34
N ARG B 157 -10.01 11.29 20.91
CA ARG B 157 -8.93 10.47 20.40
C ARG B 157 -9.28 9.03 20.56
N ILE B 158 -9.27 8.32 19.45
CA ILE B 158 -9.42 6.91 19.45
C ILE B 158 -8.17 6.33 18.82
N ILE B 159 -7.51 5.45 19.55
CA ILE B 159 -6.29 4.80 19.10
C ILE B 159 -6.43 3.31 19.26
N ASN B 160 -6.25 2.59 18.15
CA ASN B 160 -6.31 1.13 18.10
C ASN B 160 -4.95 0.49 18.01
N ILE B 161 -4.70 -0.49 18.86
CA ILE B 161 -3.42 -1.18 18.91
C ILE B 161 -3.60 -2.51 18.22
N GLY B 162 -2.85 -2.74 17.14
CA GLY B 162 -2.90 -4.02 16.43
C GLY B 162 -2.07 -5.06 17.15
N SER B 163 -1.99 -6.25 16.59
CA SER B 163 -1.39 -7.42 17.28
C SER B 163 0.12 -7.45 17.09
N VAL B 164 0.82 -7.95 18.10
CA VAL B 164 2.27 -8.20 17.97
C VAL B 164 2.59 -9.44 17.13
N VAL B 165 3.77 -9.40 16.50
CA VAL B 165 4.31 -10.47 15.69
C VAL B 165 4.73 -11.68 16.56
N GLY B 166 4.20 -12.85 16.25
CA GLY B 166 4.62 -14.10 16.91
C GLY B 166 5.45 -14.93 15.96
N ALA B 171 -0.02 -20.43 8.91
CA ALA B 171 -1.19 -19.93 9.62
C ALA B 171 -0.81 -18.66 10.38
N GLY B 172 0.32 -18.73 11.06
CA GLY B 172 0.86 -17.60 11.80
C GLY B 172 0.77 -16.28 11.05
N GLN B 173 1.37 -16.23 9.86
CA GLN B 173 1.32 -15.05 8.96
C GLN B 173 -0.07 -14.64 8.53
N THR B 174 -0.93 -15.62 8.26
CA THR B 174 -2.22 -15.33 7.67
C THR B 174 -3.11 -14.51 8.59
N ASN B 175 -3.09 -14.84 9.89
CA ASN B 175 -3.92 -14.12 10.85
C ASN B 175 -3.37 -12.74 11.00
N TYR B 176 -2.04 -12.64 11.12
CA TYR B 176 -1.40 -11.36 11.35
C TYR B 176 -1.71 -10.37 10.23
N ALA B 177 -1.63 -10.85 8.99
CA ALA B 177 -1.82 -10.00 7.84
C ALA B 177 -3.27 -9.60 7.65
N ALA B 178 -4.18 -10.52 7.93
CA ALA B 178 -5.62 -10.22 7.85
C ALA B 178 -6.04 -9.21 8.93
N ALA B 179 -5.55 -9.42 10.15
CA ALA B 179 -5.81 -8.52 11.26
C ALA B 179 -5.35 -7.10 10.92
N LYS B 180 -4.12 -6.99 10.45
CA LYS B 180 -3.52 -5.72 10.11
C LYS B 180 -4.33 -4.98 9.03
N ALA B 181 -4.75 -5.70 8.00
CA ALA B 181 -5.51 -5.09 6.92
C ALA B 181 -6.90 -4.65 7.39
N GLY B 182 -7.53 -5.46 8.25
CA GLY B 182 -8.80 -5.10 8.84
C GLY B 182 -8.68 -3.89 9.78
N LEU B 183 -7.61 -3.82 10.53
CA LEU B 183 -7.38 -2.69 11.40
C LEU B 183 -7.13 -1.39 10.60
N GLU B 184 -6.29 -1.41 9.58
CA GLU B 184 -6.01 -0.20 8.81
C GLU B 184 -7.26 0.34 8.19
N GLY B 185 -8.04 -0.56 7.59
CA GLY B 185 -9.23 -0.16 6.86
C GLY B 185 -10.28 0.36 7.80
N PHE B 186 -10.45 -0.32 8.92
CA PHE B 186 -11.41 0.10 9.90
C PHE B 186 -11.10 1.46 10.44
N THR B 187 -9.83 1.68 10.70
CA THR B 187 -9.33 2.93 11.25
C THR B 187 -9.50 4.04 10.24
N ARG B 188 -9.29 3.72 8.99
CA ARG B 188 -9.36 4.72 7.97
C ARG B 188 -10.82 5.15 7.75
N ALA B 189 -11.72 4.18 7.87
CA ALA B 189 -13.15 4.40 7.63
C ALA B 189 -13.78 5.19 8.75
N LEU B 190 -13.45 4.82 9.97
CA LEU B 190 -14.04 5.48 11.11
C LEU B 190 -13.53 6.92 11.20
N ALA B 191 -12.25 7.12 10.93
CA ALA B 191 -11.67 8.47 10.86
C ALA B 191 -12.44 9.37 9.94
N ARG B 192 -12.90 8.83 8.82
CA ARG B 192 -13.68 9.61 7.88
C ARG B 192 -15.05 9.95 8.43
N GLU B 193 -15.66 8.97 9.10
CA GLU B 193 -17.00 9.14 9.61
C GLU B 193 -17.05 10.11 10.79
N VAL B 194 -15.98 10.28 11.56
CA VAL B 194 -16.02 11.14 12.77
C VAL B 194 -15.07 12.32 12.76
N GLY B 195 -14.46 12.56 11.61
CA GLY B 195 -13.54 13.69 11.41
C GLY B 195 -14.16 15.01 11.72
N SER B 196 -15.34 15.25 11.17
CA SER B 196 -15.91 16.60 11.27
C SER B 196 -16.10 17.06 12.72
N ARG B 197 -16.12 16.11 13.65
CA ARG B 197 -16.34 16.45 15.06
C ARG B 197 -15.05 16.70 15.84
N ALA B 198 -13.92 16.82 15.14
CA ALA B 198 -12.59 16.97 15.76
C ALA B 198 -12.22 15.74 16.67
N ILE B 199 -12.59 14.55 16.21
CA ILE B 199 -12.13 13.31 16.76
C ILE B 199 -11.14 12.68 15.80
N THR B 200 -9.93 12.39 16.26
CA THR B 200 -9.01 11.63 15.43
C THR B 200 -9.10 10.12 15.75
N VAL B 201 -8.89 9.32 14.72
CA VAL B 201 -8.87 7.90 14.85
C VAL B 201 -7.60 7.39 14.19
N ASN B 202 -6.81 6.67 14.96
CA ASN B 202 -5.51 6.20 14.48
C ASN B 202 -5.22 4.85 15.00
N ALA B 203 -4.21 4.23 14.41
CA ALA B 203 -3.81 2.92 14.81
C ALA B 203 -2.29 2.81 14.93
N VAL B 204 -1.87 1.88 15.78
CA VAL B 204 -0.45 1.61 15.95
C VAL B 204 -0.27 0.16 15.64
N ALA B 205 0.58 -0.11 14.66
CA ALA B 205 0.93 -1.45 14.26
C ALA B 205 2.31 -1.85 14.84
N PRO B 206 2.32 -2.54 15.99
CA PRO B 206 3.58 -2.94 16.56
C PRO B 206 4.23 -4.06 15.80
N GLY B 207 5.56 -4.14 15.89
CA GLY B 207 6.31 -5.22 15.29
C GLY B 207 6.60 -6.25 16.38
N PHE B 208 7.88 -6.59 16.51
CA PHE B 208 8.33 -7.55 17.49
C PHE B 208 8.70 -6.88 18.81
N ILE B 209 7.80 -6.97 19.76
CA ILE B 209 7.91 -6.32 21.05
C ILE B 209 8.19 -7.35 22.14
N ASP B 210 8.95 -6.94 23.14
CA ASP B 210 9.26 -7.80 24.26
C ASP B 210 8.07 -7.85 25.23
N THR B 211 7.27 -8.91 25.13
CA THR B 211 6.12 -9.14 26.04
C THR B 211 6.10 -10.61 26.42
N ASP B 212 5.20 -11.00 27.31
CA ASP B 212 5.23 -12.37 27.84
C ASP B 212 5.07 -13.46 26.78
N MET B 213 4.30 -13.19 25.75
CA MET B 213 4.26 -14.10 24.59
C MET B 213 5.65 -14.41 23.98
N THR B 214 6.33 -13.34 23.64
CA THR B 214 7.57 -13.41 22.86
C THR B 214 8.80 -13.77 23.70
N ARG B 215 8.70 -13.63 25.02
CA ARG B 215 9.77 -14.07 25.92
C ARG B 215 9.93 -15.60 25.92
N GLU B 216 8.91 -16.32 25.47
CA GLU B 216 8.91 -17.77 25.52
C GLU B 216 9.19 -18.43 24.16
N LEU B 217 9.62 -17.67 23.16
CA LEU B 217 10.07 -18.25 21.89
C LEU B 217 11.53 -18.72 21.98
N PRO B 218 11.84 -19.91 21.41
CA PRO B 218 13.19 -20.48 21.50
C PRO B 218 14.26 -19.59 20.87
N GLU B 219 15.44 -19.55 21.49
CA GLU B 219 16.48 -18.57 21.12
C GLU B 219 16.86 -18.61 19.64
N ALA B 220 16.80 -19.79 19.02
CA ALA B 220 17.10 -19.91 17.58
C ALA B 220 16.06 -19.13 16.75
N GLN B 221 14.79 -19.33 17.07
CA GLN B 221 13.72 -18.59 16.43
C GLN B 221 13.79 -17.07 16.73
N ARG B 222 14.26 -16.72 17.93
CA ARG B 222 14.43 -15.33 18.32
C ARG B 222 15.48 -14.69 17.45
N GLU B 223 16.63 -15.34 17.34
CA GLU B 223 17.76 -14.79 16.59
C GLU B 223 17.39 -14.66 15.11
N ALA B 224 16.58 -15.58 14.62
CA ALA B 224 16.06 -15.52 13.25
C ALA B 224 15.27 -14.23 13.00
N LEU B 225 14.44 -13.86 13.97
CA LEU B 225 13.63 -12.64 13.87
C LEU B 225 14.50 -11.40 13.94
N LEU B 226 15.46 -11.38 14.86
CA LEU B 226 16.40 -10.28 14.99
C LEU B 226 17.18 -9.99 13.69
N GLY B 227 17.37 -11.01 12.86
CA GLY B 227 18.01 -10.84 11.55
C GLY B 227 17.13 -10.05 10.58
N GLN B 228 15.82 -10.18 10.75
CA GLN B 228 14.83 -9.50 9.90
C GLN B 228 14.51 -8.08 10.37
N ILE B 229 15.04 -7.67 11.52
CA ILE B 229 14.77 -6.35 12.04
C ILE B 229 16.01 -5.51 11.90
N PRO B 230 15.96 -4.49 11.03
CA PRO B 230 17.04 -3.55 10.87
C PRO B 230 17.67 -3.08 12.20
N LEU B 231 16.90 -2.54 13.12
CA LEU B 231 17.51 -2.06 14.38
C LEU B 231 18.10 -3.20 15.19
N GLY B 232 17.76 -4.44 14.82
CA GLY B 232 18.44 -5.60 15.36
C GLY B 232 18.18 -5.72 16.83
N ARG B 233 16.95 -5.47 17.23
CA ARG B 233 16.56 -5.62 18.61
C ARG B 233 15.06 -5.62 18.72
N LEU B 234 14.57 -6.31 19.75
CA LEU B 234 13.15 -6.31 20.07
C LEU B 234 12.77 -4.92 20.55
N GLY B 235 11.54 -4.55 20.31
CA GLY B 235 11.01 -3.31 20.84
C GLY B 235 10.50 -3.50 22.26
N GLN B 236 10.54 -2.40 23.01
CA GLN B 236 10.03 -2.34 24.35
C GLN B 236 8.58 -1.92 24.33
N ALA B 237 7.79 -2.38 25.30
CA ALA B 237 6.41 -1.93 25.43
C ALA B 237 6.27 -0.40 25.52
N GLU B 238 7.22 0.23 26.20
CA GLU B 238 7.21 1.65 26.44
C GLU B 238 7.34 2.43 25.12
N GLU B 239 8.02 1.82 24.14
CA GLU B 239 8.21 2.44 22.84
C GLU B 239 6.88 2.56 22.08
N ILE B 240 5.97 1.63 22.34
CA ILE B 240 4.65 1.69 21.77
C ILE B 240 3.87 2.77 22.47
N ALA B 241 4.05 2.86 23.78
CA ALA B 241 3.29 3.80 24.59
C ALA B 241 3.61 5.24 24.23
N LYS B 242 4.87 5.50 23.92
CA LYS B 242 5.31 6.83 23.52
C LYS B 242 4.61 7.34 22.28
N VAL B 243 4.43 6.45 21.30
CA VAL B 243 3.69 6.80 20.08
C VAL B 243 2.23 7.10 20.38
N VAL B 244 1.61 6.31 21.24
CA VAL B 244 0.22 6.48 21.63
C VAL B 244 0.06 7.75 22.38
N GLY B 245 0.99 8.01 23.26
CA GLY B 245 1.00 9.27 23.99
C GLY B 245 1.01 10.45 23.05
N PHE B 246 1.87 10.43 22.05
CA PHE B 246 1.92 11.53 21.12
C PHE B 246 0.60 11.63 20.34
N LEU B 247 0.05 10.50 19.91
CA LEU B 247 -1.19 10.53 19.15
C LEU B 247 -2.35 11.07 19.96
N ALA B 248 -2.32 10.87 21.26
CA ALA B 248 -3.37 11.41 22.13
C ALA B 248 -3.26 12.93 22.28
N SER B 249 -2.10 13.48 22.00
CA SER B 249 -1.85 14.91 22.27
C SER B 249 -2.53 15.84 21.27
N ASP B 250 -2.53 17.12 21.62
CA ASP B 250 -2.93 18.20 20.69
C ASP B 250 -2.02 18.32 19.50
N GLY B 251 -0.75 18.05 19.66
CA GLY B 251 0.18 18.09 18.56
C GLY B 251 -0.15 17.17 17.40
N ALA B 252 -0.97 16.16 17.62
CA ALA B 252 -1.35 15.20 16.57
C ALA B 252 -2.79 15.42 16.11
N ALA B 253 -3.29 16.65 16.25
CA ALA B 253 -4.68 16.95 15.87
C ALA B 253 -4.95 16.80 14.37
N TYR B 254 -3.92 16.93 13.55
CA TYR B 254 -4.13 16.85 12.09
C TYR B 254 -3.80 15.45 11.53
N VAL B 255 -3.43 14.51 12.40
CA VAL B 255 -3.17 13.15 12.06
C VAL B 255 -4.39 12.27 12.37
N THR B 256 -5.03 11.75 11.33
CA THR B 256 -6.16 10.87 11.52
C THR B 256 -6.25 9.97 10.36
N GLY B 257 -6.81 8.78 10.66
CA GLY B 257 -6.91 7.73 9.68
C GLY B 257 -5.56 7.10 9.41
N ALA B 258 -4.56 7.40 10.21
CA ALA B 258 -3.24 6.82 9.98
C ALA B 258 -2.97 5.55 10.80
N THR B 259 -2.11 4.72 10.24
CA THR B 259 -1.55 3.59 10.99
C THR B 259 -0.05 3.81 11.09
N VAL B 260 0.47 4.05 12.30
CA VAL B 260 1.89 4.22 12.55
C VAL B 260 2.53 2.87 12.90
N PRO B 261 3.42 2.38 12.04
CA PRO B 261 4.06 1.09 12.34
C PRO B 261 5.21 1.35 13.29
N VAL B 262 5.35 0.52 14.31
CA VAL B 262 6.37 0.68 15.28
C VAL B 262 7.06 -0.67 15.38
N ASN B 263 7.94 -0.92 14.42
CA ASN B 263 8.44 -2.26 14.15
C ASN B 263 9.90 -2.33 13.86
N GLY B 264 10.64 -1.33 14.30
CA GLY B 264 12.06 -1.26 14.06
C GLY B 264 12.51 -1.44 12.63
N GLY B 265 11.64 -1.19 11.68
CA GLY B 265 12.01 -1.34 10.29
C GLY B 265 11.61 -2.64 9.62
N MET B 266 11.12 -3.61 10.38
CA MET B 266 10.65 -4.86 9.81
C MET B 266 9.26 -4.70 9.25
N TYR B 267 9.13 -4.70 7.93
CA TYR B 267 7.78 -4.57 7.29
C TYR B 267 7.30 -5.85 6.57
N MET B 268 6.06 -6.22 6.83
CA MET B 268 5.43 -7.37 6.15
C MET B 268 4.00 -7.06 5.63
N SER B 269 3.76 -7.33 4.35
CA SER B 269 2.41 -7.21 3.74
C SER B 269 1.92 -8.56 3.20
N ASN C 17 24.66 33.29 36.15
CA ASN C 17 25.52 32.08 36.12
C ASN C 17 25.10 31.25 34.89
N LEU C 18 24.76 29.96 35.10
CA LEU C 18 24.57 29.02 34.01
C LEU C 18 23.33 28.07 34.16
N TYR C 19 22.47 28.22 33.16
CA TYR C 19 21.13 27.73 33.12
C TYR C 19 21.08 26.41 32.35
N PHE C 20 20.86 25.32 33.06
CA PHE C 20 20.67 24.02 32.40
C PHE C 20 19.22 24.00 32.06
N GLN C 21 18.85 23.33 30.99
CA GLN C 21 17.52 23.40 30.47
C GLN C 21 17.05 21.95 30.51
N SER C 22 15.81 21.70 30.97
CA SER C 22 15.20 20.35 31.01
C SER C 22 14.14 20.13 29.94
N MET C 23 14.60 19.68 28.78
CA MET C 23 13.72 19.52 27.62
C MET C 23 14.21 18.35 26.80
N SER C 24 13.33 17.88 25.93
CA SER C 24 13.50 16.56 25.37
C SER C 24 14.65 16.44 24.36
N LEU C 25 15.03 17.50 23.63
CA LEU C 25 16.16 17.44 22.66
C LEU C 25 17.34 18.33 23.08
N GLN C 26 17.42 18.57 24.39
CA GLN C 26 18.48 19.36 24.93
C GLN C 26 19.82 18.73 24.64
N GLY C 27 20.75 19.57 24.15
CA GLY C 27 22.10 19.11 23.85
C GLY C 27 22.18 18.30 22.56
N LYS C 28 21.17 18.40 21.72
CA LYS C 28 21.27 17.91 20.39
C LYS C 28 21.32 19.05 19.34
N VAL C 29 22.13 18.80 18.31
CA VAL C 29 22.30 19.71 17.19
C VAL C 29 21.45 19.21 16.04
N ALA C 30 20.59 20.09 15.52
CA ALA C 30 19.65 19.68 14.49
C ALA C 30 19.82 20.53 13.28
N LEU C 31 19.90 19.89 12.12
CA LEU C 31 19.97 20.53 10.85
C LEU C 31 18.63 20.47 10.12
N VAL C 32 18.11 21.63 9.72
CA VAL C 32 16.87 21.71 8.98
C VAL C 32 17.11 22.48 7.68
N THR C 33 16.96 21.80 6.55
CA THR C 33 17.10 22.42 5.24
C THR C 33 15.82 23.14 4.86
N GLY C 34 15.92 24.20 4.09
CA GLY C 34 14.72 24.91 3.63
C GLY C 34 13.94 25.54 4.76
N ALA C 35 14.68 26.17 5.68
CA ALA C 35 14.13 26.68 6.93
C ALA C 35 13.70 28.15 6.92
N SER C 36 13.68 28.80 5.76
CA SER C 36 13.47 30.27 5.75
C SER C 36 12.00 30.70 5.78
N ARG C 37 11.08 29.79 5.45
CA ARG C 37 9.64 30.08 5.53
C ARG C 37 8.82 28.80 5.69
N GLY C 38 7.51 28.99 5.87
CA GLY C 38 6.55 27.89 5.88
C GLY C 38 6.90 26.77 6.83
N ILE C 39 6.85 25.54 6.32
CA ILE C 39 6.96 24.33 7.17
C ILE C 39 8.37 24.23 7.77
N GLY C 40 9.39 24.61 6.99
CA GLY C 40 10.78 24.50 7.42
C GLY C 40 11.05 25.37 8.61
N GLN C 41 10.60 26.59 8.53
CA GLN C 41 10.74 27.50 9.63
C GLN C 41 10.08 26.93 10.90
N ALA C 42 8.87 26.41 10.75
CA ALA C 42 8.14 25.86 11.92
C ALA C 42 8.85 24.65 12.52
N ILE C 43 9.38 23.77 11.69
CA ILE C 43 10.20 22.68 12.21
C ILE C 43 11.40 23.24 12.95
N ALA C 44 12.05 24.25 12.39
CA ALA C 44 13.18 24.87 13.08
C ALA C 44 12.80 25.41 14.46
N LEU C 45 11.66 26.08 14.55
CA LEU C 45 11.23 26.68 15.82
C LEU C 45 10.74 25.63 16.80
N GLU C 46 10.04 24.61 16.33
CA GLU C 46 9.62 23.53 17.22
C GLU C 46 10.80 22.77 17.84
N LEU C 47 11.78 22.41 17.02
CA LEU C 47 12.97 21.73 17.51
C LEU C 47 13.71 22.60 18.52
N GLY C 48 13.83 23.89 18.23
CA GLY C 48 14.43 24.85 19.18
C GLY C 48 13.68 24.93 20.49
N ARG C 49 12.35 24.98 20.41
CA ARG C 49 11.47 24.98 21.56
C ARG C 49 11.70 23.71 22.40
N LEU C 50 11.98 22.58 21.76
CA LEU C 50 12.30 21.36 22.48
C LEU C 50 13.74 21.33 22.98
N GLY C 51 14.49 22.38 22.69
CA GLY C 51 15.80 22.59 23.29
C GLY C 51 16.99 22.20 22.45
N ALA C 52 16.78 21.90 21.18
CA ALA C 52 17.91 21.57 20.34
C ALA C 52 18.61 22.89 19.91
N VAL C 53 19.90 22.77 19.61
CA VAL C 53 20.61 23.76 18.85
C VAL C 53 20.25 23.56 17.38
N VAL C 54 19.68 24.59 16.74
CA VAL C 54 19.10 24.47 15.41
C VAL C 54 19.90 25.21 14.33
N ILE C 55 20.27 24.47 13.29
CA ILE C 55 20.89 25.07 12.15
C ILE C 55 19.89 25.02 11.02
N GLY C 56 19.50 26.18 10.54
CA GLY C 56 18.60 26.27 9.40
C GLY C 56 19.36 26.70 8.17
N THR C 57 18.93 26.24 7.00
CA THR C 57 19.65 26.53 5.77
C THR C 57 18.75 27.12 4.69
N ALA C 58 19.41 27.89 3.83
CA ALA C 58 18.80 28.47 2.68
C ALA C 58 19.85 28.48 1.58
N THR C 59 19.41 28.78 0.37
CA THR C 59 20.28 28.70 -0.80
C THR C 59 20.96 30.03 -1.07
N SER C 60 20.65 31.04 -0.25
CA SER C 60 21.21 32.36 -0.43
C SER C 60 21.64 32.90 0.89
N ALA C 61 22.58 33.84 0.83
CA ALA C 61 23.02 34.57 2.01
C ALA C 61 21.88 35.37 2.68
N SER C 62 21.03 36.03 1.90
CA SER C 62 19.98 36.84 2.52
C SER C 62 18.92 35.97 3.21
N GLY C 63 18.59 34.84 2.62
CA GLY C 63 17.74 33.83 3.30
C GLY C 63 18.35 33.26 4.58
N ALA C 64 19.65 32.96 4.55
CA ALA C 64 20.38 32.45 5.71
C ALA C 64 20.44 33.45 6.85
N GLU C 65 20.54 34.72 6.50
CA GLU C 65 20.53 35.78 7.47
C GLU C 65 19.12 35.99 8.08
N LYS C 66 18.07 35.83 7.28
CA LYS C 66 16.72 35.92 7.82
C LYS C 66 16.41 34.78 8.83
N ILE C 67 17.00 33.61 8.58
CA ILE C 67 16.87 32.44 9.45
C ILE C 67 17.50 32.75 10.79
N ALA C 68 18.71 33.27 10.77
CA ALA C 68 19.40 33.66 12.03
C ALA C 68 18.61 34.66 12.86
N GLU C 69 17.97 35.62 12.21
CA GLU C 69 17.23 36.67 12.91
C GLU C 69 15.94 36.16 13.46
N THR C 70 15.32 35.25 12.72
CA THR C 70 14.14 34.53 13.20
C THR C 70 14.46 33.67 14.43
N LEU C 71 15.53 32.88 14.38
CA LEU C 71 15.93 32.05 15.51
C LEU C 71 16.21 32.89 16.73
N LYS C 72 16.86 34.01 16.50
CA LYS C 72 17.20 34.89 17.60
C LYS C 72 15.94 35.48 18.23
N ALA C 73 15.01 35.95 17.42
CA ALA C 73 13.76 36.51 17.92
C ALA C 73 12.91 35.49 18.72
N ASN C 74 13.12 34.20 18.50
CA ASN C 74 12.43 33.19 19.28
C ASN C 74 13.31 32.56 20.36
N GLY C 75 14.50 33.11 20.58
CA GLY C 75 15.39 32.66 21.63
C GLY C 75 15.99 31.29 21.38
N VAL C 76 16.10 30.91 20.12
CA VAL C 76 16.69 29.65 19.74
C VAL C 76 18.17 29.86 19.46
N GLU C 77 19.02 29.10 20.15
CA GLU C 77 20.44 29.00 19.87
C GLU C 77 20.62 28.26 18.56
N GLY C 78 21.39 28.83 17.65
CA GLY C 78 21.66 28.18 16.39
C GLY C 78 22.32 29.06 15.34
N ALA C 79 22.04 28.77 14.08
CA ALA C 79 22.69 29.46 13.00
C ALA C 79 21.88 29.39 11.73
N GLY C 80 22.08 30.39 10.88
CA GLY C 80 21.61 30.32 9.50
C GLY C 80 22.82 30.03 8.67
N LEU C 81 22.67 29.17 7.68
CA LEU C 81 23.80 28.79 6.85
C LEU C 81 23.38 28.67 5.41
N VAL C 82 24.35 28.78 4.51
CA VAL C 82 24.05 28.61 3.10
C VAL C 82 24.35 27.19 2.72
N LEU C 83 23.35 26.53 2.15
CA LEU C 83 23.46 25.16 1.68
C LEU C 83 22.73 24.98 0.37
N ASP C 84 23.37 24.27 -0.55
CA ASP C 84 22.73 23.85 -1.80
C ASP C 84 22.81 22.33 -1.81
N VAL C 85 21.67 21.69 -1.56
CA VAL C 85 21.62 20.23 -1.36
C VAL C 85 21.98 19.46 -2.62
N SER C 86 21.88 20.14 -3.75
CA SER C 86 22.20 19.52 -5.03
C SER C 86 23.68 19.38 -5.31
N SER C 87 24.58 19.88 -4.45
CA SER C 87 26.02 19.80 -4.75
C SER C 87 26.84 19.20 -3.61
N ASP C 88 27.72 18.25 -3.95
CA ASP C 88 28.55 17.58 -2.96
C ASP C 88 29.46 18.55 -2.19
N GLU C 89 29.98 19.55 -2.89
CA GLU C 89 30.96 20.47 -2.30
C GLU C 89 30.25 21.34 -1.27
N SER C 90 29.08 21.85 -1.63
CA SER C 90 28.31 22.65 -0.70
C SER C 90 27.91 21.86 0.57
N VAL C 91 27.51 20.60 0.39
CA VAL C 91 27.14 19.73 1.50
C VAL C 91 28.33 19.45 2.41
N ALA C 92 29.44 18.98 1.83
CA ALA C 92 30.59 18.63 2.65
C ALA C 92 31.06 19.82 3.47
N ALA C 93 31.13 20.99 2.83
CA ALA C 93 31.72 22.18 3.43
C ALA C 93 30.85 22.64 4.57
N THR C 94 29.55 22.54 4.36
CA THR C 94 28.61 22.99 5.37
C THR C 94 28.65 22.10 6.60
N LEU C 95 28.84 20.81 6.42
CA LEU C 95 28.95 19.92 7.57
C LEU C 95 30.19 20.13 8.38
N GLU C 96 31.33 20.22 7.70
CA GLU C 96 32.56 20.51 8.40
C GLU C 96 32.51 21.85 9.14
N HIS C 97 31.87 22.85 8.56
CA HIS C 97 31.68 24.12 9.23
C HIS C 97 30.86 23.95 10.50
N ILE C 98 29.81 23.16 10.42
CA ILE C 98 28.96 22.89 11.57
C ILE C 98 29.67 22.10 12.64
N GLN C 99 30.35 21.01 12.23
CA GLN C 99 31.08 20.17 13.20
C GLN C 99 32.16 21.01 13.95
N GLN C 100 32.86 21.86 13.22
CA GLN C 100 33.88 22.75 13.77
C GLN C 100 33.31 23.71 14.81
N HIS C 101 32.16 24.32 14.52
CA HIS C 101 31.62 25.39 15.38
C HIS C 101 30.59 24.90 16.42
N LEU C 102 29.78 23.90 16.08
CA LEU C 102 28.67 23.48 16.96
C LEU C 102 28.63 22.02 17.38
N GLY C 103 29.18 21.13 16.58
CA GLY C 103 29.14 19.69 16.86
C GLY C 103 28.49 18.95 15.70
N GLN C 104 28.38 17.64 15.84
CA GLN C 104 27.79 16.80 14.81
C GLN C 104 26.28 16.97 14.84
N PRO C 105 25.66 17.25 13.68
CA PRO C 105 24.19 17.22 13.63
C PRO C 105 23.66 15.77 13.67
N LEU C 106 22.87 15.44 14.69
CA LEU C 106 22.35 14.08 14.86
C LEU C 106 20.88 14.03 14.56
N ILE C 107 20.27 15.19 14.35
CA ILE C 107 18.91 15.29 13.84
C ILE C 107 18.96 16.09 12.52
N VAL C 108 18.47 15.48 11.45
CA VAL C 108 18.51 16.10 10.16
C VAL C 108 17.15 15.99 9.54
N VAL C 109 16.58 17.15 9.26
CA VAL C 109 15.29 17.25 8.57
C VAL C 109 15.49 17.81 7.14
N ASN C 110 15.17 16.98 6.17
CA ASN C 110 15.31 17.31 4.78
C ASN C 110 14.02 17.87 4.33
N ASN C 111 13.98 19.19 4.21
CA ASN C 111 12.80 19.84 3.78
C ASN C 111 13.13 20.75 2.54
N ALA C 112 14.37 20.75 2.03
CA ALA C 112 14.68 21.48 0.80
C ALA C 112 14.44 20.61 -0.41
N GLY C 113 14.37 21.31 -1.53
CA GLY C 113 13.36 21.02 -2.52
C GLY C 113 14.09 20.90 -3.81
N ILE C 114 13.33 20.93 -4.89
CA ILE C 114 13.87 20.58 -6.18
C ILE C 114 12.83 21.01 -7.15
N THR C 115 13.29 21.36 -8.34
CA THR C 115 12.43 21.53 -9.53
C THR C 115 13.23 22.38 -10.52
N ARG C 116 13.30 23.69 -10.32
CA ARG C 116 13.89 24.61 -11.30
C ARG C 116 13.02 24.61 -12.54
N ASP C 125 9.02 15.81 -21.59
CA ASP C 125 9.18 16.85 -20.58
C ASP C 125 9.31 16.23 -19.20
N ASP C 126 8.20 15.75 -18.65
CA ASP C 126 8.23 14.68 -17.65
C ASP C 126 8.89 15.03 -16.32
N GLU C 127 8.24 15.89 -15.58
CA GLU C 127 8.70 16.32 -14.30
C GLU C 127 8.49 15.21 -13.20
N TRP C 128 7.48 14.39 -13.41
CA TRP C 128 7.19 13.26 -12.55
C TRP C 128 8.35 12.29 -12.45
N PHE C 129 9.27 12.33 -13.42
CA PHE C 129 10.48 11.48 -13.42
C PHE C 129 11.74 12.23 -13.00
N ASP C 130 12.04 13.33 -13.68
CA ASP C 130 13.33 14.01 -13.53
C ASP C 130 13.46 14.72 -12.19
N VAL C 131 12.47 15.55 -11.88
CA VAL C 131 12.43 16.24 -10.60
C VAL C 131 12.54 15.24 -9.44
N VAL C 132 11.62 14.28 -9.42
CA VAL C 132 11.55 13.29 -8.34
C VAL C 132 12.88 12.58 -8.13
N ASN C 133 13.48 12.11 -9.19
CA ASN C 133 14.77 11.43 -9.14
C ASN C 133 15.96 12.31 -8.74
N THR C 134 15.92 13.57 -9.14
CA THR C 134 16.85 14.55 -8.63
C THR C 134 16.69 14.76 -7.14
N ASN C 135 15.47 14.97 -6.67
CA ASN C 135 15.26 15.14 -5.23
C ASN C 135 15.74 13.99 -4.40
N LEU C 136 15.50 12.77 -4.88
CA LEU C 136 15.95 11.62 -4.18
C LEU C 136 17.47 11.53 -4.16
N ASN C 137 18.15 12.00 -5.20
CA ASN C 137 19.63 12.14 -5.12
C ASN C 137 20.11 13.12 -4.07
N SER C 138 19.38 14.21 -3.87
CA SER C 138 19.74 15.17 -2.84
C SER C 138 19.54 14.51 -1.50
N LEU C 139 18.38 13.89 -1.30
CA LEU C 139 18.08 13.21 -0.04
C LEU C 139 19.19 12.24 0.25
N TYR C 140 19.49 11.39 -0.71
CA TYR C 140 20.59 10.39 -0.52
C TYR C 140 21.96 11.00 -0.23
N ARG C 141 22.36 11.97 -1.04
CA ARG C 141 23.59 12.72 -0.84
C ARG C 141 23.76 13.27 0.58
N LEU C 142 22.76 13.98 1.06
CA LEU C 142 22.82 14.62 2.36
C LEU C 142 22.86 13.56 3.44
N SER C 143 22.02 12.54 3.27
CA SER C 143 21.86 11.52 4.28
C SER C 143 23.16 10.74 4.48
N LYS C 144 23.79 10.38 3.37
CA LYS C 144 25.09 9.72 3.40
C LYS C 144 26.15 10.59 4.05
N ALA C 145 26.12 11.89 3.82
CA ALA C 145 27.10 12.77 4.44
C ALA C 145 26.94 12.80 5.96
N VAL C 146 25.73 13.01 6.45
CA VAL C 146 25.50 13.08 7.90
C VAL C 146 25.53 11.73 8.66
N LEU C 147 25.57 10.62 7.95
CA LEU C 147 25.65 9.30 8.58
C LEU C 147 26.97 9.00 9.30
N ARG C 148 28.10 9.48 8.80
CA ARG C 148 29.35 9.20 9.51
C ARG C 148 29.25 9.72 10.94
N GLY C 149 28.80 10.97 11.11
CA GLY C 149 28.59 11.55 12.43
C GLY C 149 27.68 10.72 13.33
N MET C 150 26.61 10.17 12.75
CA MET C 150 25.59 9.48 13.53
C MET C 150 26.07 8.06 13.87
N THR C 151 26.76 7.43 12.93
CA THR C 151 27.44 6.16 13.18
C THR C 151 28.38 6.30 14.36
N LYS C 152 29.27 7.27 14.31
CA LYS C 152 30.17 7.58 15.43
C LYS C 152 29.41 7.74 16.76
N ALA C 153 28.26 8.41 16.77
CA ALA C 153 27.52 8.62 18.02
C ALA C 153 26.69 7.41 18.45
N ARG C 154 26.50 6.46 17.52
CA ARG C 154 25.56 5.38 17.69
C ARG C 154 24.16 5.92 17.99
N TRP C 155 23.79 6.98 17.29
CA TRP C 155 22.50 7.60 17.48
C TRP C 155 22.21 8.58 16.36
N GLY C 156 20.98 8.61 15.90
CA GLY C 156 20.61 9.59 14.88
C GLY C 156 19.15 9.56 14.50
N ARG C 157 18.73 10.65 13.88
CA ARG C 157 17.38 10.85 13.37
C ARG C 157 17.43 11.54 12.03
N ILE C 158 16.86 10.89 11.03
CA ILE C 158 16.70 11.46 9.75
C ILE C 158 15.20 11.47 9.46
N ILE C 159 14.71 12.66 9.19
CA ILE C 159 13.31 12.86 8.87
C ILE C 159 13.18 13.67 7.55
N ASN C 160 12.44 13.08 6.60
CA ASN C 160 12.17 13.65 5.31
C ASN C 160 10.76 14.19 5.20
N ILE C 161 10.65 15.43 4.75
CA ILE C 161 9.36 16.05 4.57
C ILE C 161 9.00 15.98 3.09
N GLY C 162 7.86 15.39 2.78
CA GLY C 162 7.37 15.34 1.41
C GLY C 162 6.68 16.63 1.03
N SER C 163 6.15 16.71 -0.18
CA SER C 163 5.58 17.95 -0.71
C SER C 163 4.14 18.14 -0.28
N VAL C 164 3.75 19.39 -0.11
CA VAL C 164 2.34 19.73 0.13
C VAL C 164 1.53 19.56 -1.16
N VAL C 165 0.27 19.25 -0.98
CA VAL C 165 -0.63 19.01 -2.11
C VAL C 165 -0.83 20.27 -2.96
N GLY C 169 -3.81 19.38 -10.80
CA GLY C 169 -4.33 19.01 -12.11
C GLY C 169 -4.37 17.52 -12.38
N ASN C 170 -4.06 17.12 -13.61
CA ASN C 170 -3.91 15.73 -13.98
C ASN C 170 -2.41 15.40 -13.98
N ALA C 171 -1.64 16.21 -14.72
CA ALA C 171 -0.18 16.19 -14.66
C ALA C 171 0.29 16.49 -13.24
N GLY C 172 -0.26 17.55 -12.65
CA GLY C 172 -0.05 17.87 -11.24
C GLY C 172 -0.10 16.65 -10.33
N GLN C 173 -1.22 15.93 -10.36
CA GLN C 173 -1.42 14.73 -9.54
C GLN C 173 -0.47 13.58 -9.84
N THR C 174 -0.04 13.44 -11.09
CA THR C 174 0.98 12.47 -11.45
C THR C 174 2.28 12.72 -10.69
N ASN C 175 2.65 13.99 -10.54
CA ASN C 175 3.90 14.35 -9.89
C ASN C 175 3.75 14.07 -8.43
N TYR C 176 2.61 14.48 -7.88
CA TYR C 176 2.36 14.35 -6.46
C TYR C 176 2.42 12.88 -6.02
N ALA C 177 1.83 12.00 -6.82
CA ALA C 177 1.77 10.59 -6.50
C ALA C 177 3.11 9.90 -6.67
N ALA C 178 3.86 10.30 -7.67
CA ALA C 178 5.20 9.77 -7.88
C ALA C 178 6.14 10.19 -6.76
N ALA C 179 6.07 11.46 -6.37
CA ALA C 179 6.90 11.98 -5.29
C ALA C 179 6.66 11.20 -4.01
N LYS C 180 5.40 11.04 -3.67
CA LYS C 180 4.97 10.37 -2.44
C LYS C 180 5.41 8.93 -2.40
N ALA C 181 5.25 8.23 -3.50
CA ALA C 181 5.67 6.83 -3.60
C ALA C 181 7.19 6.68 -3.54
N GLY C 182 7.91 7.60 -4.17
CA GLY C 182 9.38 7.59 -4.10
C GLY C 182 9.87 7.88 -2.70
N LEU C 183 9.24 8.82 -2.02
CA LEU C 183 9.65 9.21 -0.70
C LEU C 183 9.43 8.03 0.27
N GLU C 184 8.28 7.39 0.18
CA GLU C 184 8.00 6.27 1.04
C GLU C 184 8.95 5.11 0.86
N GLY C 185 9.26 4.80 -0.39
CA GLY C 185 10.16 3.69 -0.69
C GLY C 185 11.58 4.00 -0.30
N PHE C 186 12.00 5.23 -0.58
CA PHE C 186 13.33 5.65 -0.23
C PHE C 186 13.57 5.52 1.26
N THR C 187 12.56 5.98 2.00
CA THR C 187 12.66 6.10 3.45
C THR C 187 12.70 4.69 4.04
N ARG C 188 11.98 3.80 3.41
CA ARG C 188 11.91 2.46 3.90
C ARG C 188 13.24 1.73 3.65
N ALA C 189 13.84 2.02 2.51
CA ALA C 189 15.09 1.38 2.11
C ALA C 189 16.28 1.90 2.90
N LEU C 190 16.37 3.20 3.09
CA LEU C 190 17.45 3.75 3.89
C LEU C 190 17.38 3.32 5.36
N ALA C 191 16.17 3.29 5.91
CA ALA C 191 15.96 2.80 7.26
C ALA C 191 16.59 1.41 7.42
N ARG C 192 16.46 0.58 6.40
CA ARG C 192 17.02 -0.78 6.44
C ARG C 192 18.53 -0.77 6.39
N GLU C 193 19.08 0.13 5.60
CA GLU C 193 20.51 0.27 5.46
C GLU C 193 21.20 0.75 6.74
N VAL C 194 20.54 1.59 7.55
CA VAL C 194 21.20 2.21 8.72
C VAL C 194 20.60 1.88 10.07
N GLY C 195 19.69 0.93 10.08
CA GLY C 195 19.04 0.48 11.32
C GLY C 195 20.03 0.03 12.36
N SER C 196 20.95 -0.84 11.97
CA SER C 196 21.80 -1.49 12.97
C SER C 196 22.62 -0.50 13.82
N ARG C 197 22.76 0.74 13.34
CA ARG C 197 23.49 1.76 14.06
C ARG C 197 22.65 2.64 15.00
N ALA C 198 21.40 2.24 15.26
CA ALA C 198 20.46 3.03 16.07
C ALA C 198 20.19 4.44 15.48
N ILE C 199 20.09 4.47 14.15
CA ILE C 199 19.59 5.62 13.42
C ILE C 199 18.20 5.32 12.86
N THR C 200 17.20 6.14 13.20
CA THR C 200 15.90 5.98 12.58
C THR C 200 15.76 6.91 11.36
N VAL C 201 15.05 6.42 10.34
CA VAL C 201 14.76 7.19 9.18
C VAL C 201 13.27 7.16 8.92
N ASN C 202 12.66 8.33 8.85
CA ASN C 202 11.21 8.42 8.74
C ASN C 202 10.84 9.60 7.83
N ALA C 203 9.59 9.64 7.44
CA ALA C 203 9.07 10.64 6.58
C ALA C 203 7.73 11.15 7.03
N VAL C 204 7.46 12.40 6.67
CA VAL C 204 6.20 13.02 6.98
C VAL C 204 5.59 13.45 5.68
N ALA C 205 4.40 12.93 5.41
CA ALA C 205 3.66 13.26 4.20
C ALA C 205 2.56 14.25 4.54
N PRO C 206 2.80 15.55 4.33
CA PRO C 206 1.77 16.50 4.65
C PRO C 206 0.65 16.46 3.65
N GLY C 207 -0.52 16.93 4.07
CA GLY C 207 -1.66 17.11 3.18
C GLY C 207 -1.78 18.56 2.79
N PHE C 208 -2.96 19.12 2.98
CA PHE C 208 -3.23 20.52 2.68
C PHE C 208 -2.96 21.42 3.87
N ILE C 209 -1.83 22.13 3.80
CA ILE C 209 -1.35 22.95 4.87
C ILE C 209 -1.51 24.41 4.51
N ASP C 210 -1.78 25.25 5.51
CA ASP C 210 -1.97 26.66 5.33
C ASP C 210 -0.72 27.50 5.23
N THR C 211 -0.66 28.18 4.09
CA THR C 211 0.49 28.95 3.71
C THR C 211 0.02 30.20 2.97
N ASP C 212 0.96 31.09 2.69
CA ASP C 212 0.65 32.38 2.07
C ASP C 212 -0.02 32.22 0.69
N MET C 213 0.36 31.21 -0.08
CA MET C 213 -0.37 31.01 -1.34
C MET C 213 -1.84 30.69 -1.13
N THR C 214 -2.16 29.79 -0.20
CA THR C 214 -3.53 29.28 -0.06
C THR C 214 -4.46 30.25 0.66
N ARG C 215 -3.87 31.19 1.39
CA ARG C 215 -4.65 32.23 2.05
C ARG C 215 -5.33 33.17 1.04
N GLU C 216 -4.81 33.20 -0.19
CA GLU C 216 -5.26 34.14 -1.22
C GLU C 216 -6.08 33.49 -2.36
N LEU C 217 -6.56 32.27 -2.15
CA LEU C 217 -7.50 31.66 -3.09
C LEU C 217 -8.94 32.12 -2.82
N PRO C 218 -9.73 32.35 -3.89
CA PRO C 218 -11.17 32.65 -3.75
C PRO C 218 -11.94 31.58 -2.97
N GLU C 219 -12.90 32.03 -2.17
CA GLU C 219 -13.59 31.16 -1.22
C GLU C 219 -14.19 29.89 -1.84
N ALA C 220 -14.62 29.96 -3.09
CA ALA C 220 -15.17 28.78 -3.77
C ALA C 220 -14.11 27.67 -3.92
N GLN C 221 -12.92 28.05 -4.37
CA GLN C 221 -11.79 27.10 -4.46
C GLN C 221 -11.34 26.58 -3.10
N ARG C 222 -11.46 27.45 -2.09
CA ARG C 222 -11.11 27.08 -0.72
C ARG C 222 -12.07 26.02 -0.21
N GLU C 223 -13.37 26.27 -0.35
CA GLU C 223 -14.40 25.36 0.14
C GLU C 223 -14.30 24.01 -0.58
N ALA C 224 -13.94 24.04 -1.87
CA ALA C 224 -13.76 22.81 -2.65
C ALA C 224 -12.75 21.87 -2.01
N LEU C 225 -11.64 22.44 -1.54
CA LEU C 225 -10.58 21.65 -0.93
C LEU C 225 -11.01 21.08 0.40
N LEU C 226 -11.64 21.93 1.20
CA LEU C 226 -12.13 21.53 2.50
C LEU C 226 -13.17 20.38 2.46
N GLY C 227 -13.87 20.24 1.33
CA GLY C 227 -14.77 19.12 1.13
C GLY C 227 -14.07 17.76 1.08
N GLN C 228 -12.82 17.76 0.63
CA GLN C 228 -12.05 16.51 0.54
C GLN C 228 -11.39 16.08 1.85
N ILE C 229 -11.40 16.96 2.85
CA ILE C 229 -10.68 16.72 4.09
C ILE C 229 -11.66 16.48 5.23
N PRO C 230 -11.66 15.26 5.79
CA PRO C 230 -12.51 14.91 6.88
C PRO C 230 -12.55 15.94 8.01
N LEU C 231 -11.38 16.34 8.53
CA LEU C 231 -11.38 17.34 9.60
C LEU C 231 -11.92 18.68 9.13
N GLY C 232 -12.06 18.83 7.82
CA GLY C 232 -12.74 19.99 7.28
C GLY C 232 -11.99 21.28 7.58
N ARG C 233 -10.68 21.23 7.53
CA ARG C 233 -9.89 22.41 7.79
C ARG C 233 -8.49 22.19 7.27
N LEU C 234 -7.84 23.28 6.89
CA LEU C 234 -6.46 23.23 6.47
C LEU C 234 -5.61 22.93 7.69
N GLY C 235 -4.50 22.25 7.48
CA GLY C 235 -3.51 22.06 8.54
C GLY C 235 -2.63 23.29 8.72
N GLN C 236 -2.14 23.49 9.94
CA GLN C 236 -1.14 24.53 10.27
C GLN C 236 0.26 23.97 10.10
N ALA C 237 1.21 24.82 9.70
CA ALA C 237 2.61 24.42 9.61
C ALA C 237 3.11 23.75 10.93
N GLU C 238 2.65 24.28 12.06
CA GLU C 238 3.09 23.87 13.37
C GLU C 238 2.65 22.44 13.64
N GLU C 239 1.55 22.04 13.04
CA GLU C 239 1.07 20.66 13.17
C GLU C 239 1.99 19.64 12.49
N ILE C 240 2.68 20.08 11.43
CA ILE C 240 3.71 19.25 10.83
C ILE C 240 4.92 19.21 11.74
N ALA C 241 5.22 20.32 12.37
CA ALA C 241 6.42 20.45 13.18
C ALA C 241 6.33 19.57 14.41
N LYS C 242 5.14 19.48 14.98
CA LYS C 242 4.90 18.66 16.16
C LYS C 242 5.21 17.21 15.90
N VAL C 243 4.81 16.71 14.74
CA VAL C 243 5.09 15.31 14.36
C VAL C 243 6.58 15.07 14.21
N VAL C 244 7.26 16.03 13.61
CA VAL C 244 8.70 15.95 13.41
C VAL C 244 9.36 15.97 14.77
N GLY C 245 8.89 16.85 15.64
CA GLY C 245 9.42 16.95 16.97
C GLY C 245 9.34 15.61 17.70
N PHE C 246 8.20 14.95 17.62
CA PHE C 246 8.08 13.67 18.23
C PHE C 246 9.05 12.65 17.61
N LEU C 247 9.15 12.64 16.27
CA LEU C 247 9.99 11.63 15.61
C LEU C 247 11.42 11.83 15.94
N ALA C 248 11.80 13.07 16.23
CA ALA C 248 13.18 13.34 16.66
C ALA C 248 13.48 12.83 18.08
N SER C 249 12.45 12.60 18.86
CA SER C 249 12.61 12.25 20.27
C SER C 249 13.09 10.81 20.50
N ASP C 250 13.52 10.57 21.72
CA ASP C 250 13.81 9.21 22.23
C ASP C 250 12.58 8.29 22.32
N GLY C 251 11.41 8.87 22.52
CA GLY C 251 10.18 8.09 22.47
C GLY C 251 9.90 7.36 21.16
N ALA C 252 10.51 7.81 20.07
CA ALA C 252 10.24 7.26 18.73
C ALA C 252 11.40 6.40 18.27
N ALA C 253 12.18 5.89 19.22
CA ALA C 253 13.37 5.09 18.87
C ALA C 253 13.06 3.80 18.14
N TYR C 254 11.86 3.25 18.29
CA TYR C 254 11.54 2.00 17.58
C TYR C 254 10.77 2.21 16.28
N VAL C 255 10.50 3.46 15.95
CA VAL C 255 9.78 3.82 14.75
C VAL C 255 10.83 4.14 13.73
N THR C 256 10.92 3.34 12.67
CA THR C 256 11.79 3.64 11.59
C THR C 256 11.23 3.02 10.34
N GLY C 257 11.56 3.68 9.20
CA GLY C 257 11.06 3.31 7.92
C GLY C 257 9.65 3.75 7.71
N ALA C 258 9.10 4.57 8.59
CA ALA C 258 7.69 4.91 8.48
C ALA C 258 7.47 6.22 7.73
N THR C 259 6.34 6.31 7.05
CA THR C 259 5.82 7.58 6.56
C THR C 259 4.53 7.94 7.31
N VAL C 260 4.57 8.99 8.12
CA VAL C 260 3.40 9.45 8.89
C VAL C 260 2.66 10.49 8.05
N PRO C 261 1.46 10.15 7.61
CA PRO C 261 0.68 11.14 6.86
C PRO C 261 0.06 12.13 7.83
N VAL C 262 0.12 13.42 7.51
CA VAL C 262 -0.42 14.44 8.36
C VAL C 262 -1.28 15.30 7.43
N ASN C 263 -2.47 14.78 7.16
CA ASN C 263 -3.31 15.26 6.07
C ASN C 263 -4.75 15.37 6.47
N GLY C 264 -5.03 15.48 7.75
CA GLY C 264 -6.39 15.52 8.25
C GLY C 264 -7.33 14.43 7.77
N GLY C 265 -6.82 13.28 7.35
CA GLY C 265 -7.69 12.28 6.79
C GLY C 265 -7.88 12.23 5.28
N MET C 266 -7.39 13.22 4.55
CA MET C 266 -7.43 13.18 3.08
C MET C 266 -6.35 12.25 2.60
N TYR C 267 -6.74 11.06 2.12
CA TYR C 267 -5.79 10.04 1.67
C TYR C 267 -5.88 9.91 0.15
N MET C 268 -4.91 10.52 -0.52
CA MET C 268 -5.01 10.78 -1.93
C MET C 268 -3.90 10.07 -2.71
N SER C 269 -4.22 8.86 -3.17
CA SER C 269 -3.53 8.26 -4.31
C SER C 269 -4.57 7.65 -5.26
N TYR D 19 -3.45 -9.67 -45.56
CA TYR D 19 -3.62 -10.44 -44.28
C TYR D 19 -3.93 -9.50 -43.13
N PHE D 20 -5.14 -9.56 -42.61
CA PHE D 20 -5.62 -8.63 -41.61
C PHE D 20 -6.20 -9.35 -40.39
N GLN D 21 -6.05 -8.77 -39.20
CA GLN D 21 -6.16 -9.57 -37.97
C GLN D 21 -7.16 -9.13 -36.92
N SER D 22 -7.50 -10.08 -36.04
CA SER D 22 -8.61 -9.94 -35.13
C SER D 22 -8.37 -10.68 -33.78
N MET D 23 -8.26 -9.90 -32.68
CA MET D 23 -8.13 -10.39 -31.29
C MET D 23 -6.95 -11.35 -31.07
N SER D 24 -5.79 -10.89 -31.51
CA SER D 24 -4.54 -11.63 -31.41
C SER D 24 -3.41 -10.61 -31.53
N LEU D 25 -2.16 -11.12 -31.47
CA LEU D 25 -0.99 -10.28 -31.63
C LEU D 25 -0.43 -10.41 -33.02
N GLN D 26 -1.18 -11.02 -33.92
CA GLN D 26 -0.75 -11.20 -35.28
C GLN D 26 -0.42 -9.87 -35.94
N GLY D 27 0.75 -9.78 -36.57
CA GLY D 27 1.14 -8.59 -37.31
C GLY D 27 1.57 -7.48 -36.41
N LYS D 28 1.79 -7.79 -35.14
CA LYS D 28 2.33 -6.83 -34.22
C LYS D 28 3.80 -7.14 -34.03
N VAL D 29 4.58 -6.07 -33.97
CA VAL D 29 6.00 -6.13 -33.72
C VAL D 29 6.24 -5.89 -32.24
N ALA D 30 6.93 -6.84 -31.60
CA ALA D 30 7.18 -6.77 -30.19
C ALA D 30 8.65 -6.76 -29.91
N LEU D 31 9.08 -5.82 -29.08
CA LEU D 31 10.46 -5.73 -28.61
C LEU D 31 10.58 -6.26 -27.17
N VAL D 32 11.48 -7.22 -26.95
CA VAL D 32 11.72 -7.80 -25.61
C VAL D 32 13.18 -7.71 -25.29
N THR D 33 13.51 -6.92 -24.29
CA THR D 33 14.90 -6.74 -23.89
C THR D 33 15.31 -7.88 -22.98
N GLY D 34 16.58 -8.23 -22.97
CA GLY D 34 17.04 -9.28 -22.07
C GLY D 34 16.40 -10.62 -22.38
N ALA D 35 16.36 -10.96 -23.66
CA ALA D 35 15.64 -12.10 -24.15
C ALA D 35 16.46 -13.37 -24.33
N SER D 36 17.71 -13.38 -23.88
CA SER D 36 18.58 -14.51 -24.25
C SER D 36 18.47 -15.74 -23.31
N ARG D 37 17.89 -15.56 -22.14
CA ARG D 37 17.69 -16.66 -21.21
C ARG D 37 16.54 -16.36 -20.24
N GLY D 38 16.22 -17.37 -19.43
CA GLY D 38 15.28 -17.24 -18.34
C GLY D 38 13.94 -16.64 -18.77
N ILE D 39 13.51 -15.67 -18.01
CA ILE D 39 12.20 -15.08 -18.18
C ILE D 39 12.03 -14.35 -19.50
N GLY D 40 13.06 -13.64 -19.94
CA GLY D 40 13.02 -12.88 -21.21
C GLY D 40 12.82 -13.77 -22.44
N GLN D 41 13.57 -14.84 -22.50
CA GLN D 41 13.40 -15.84 -23.54
C GLN D 41 11.97 -16.39 -23.54
N ALA D 42 11.45 -16.75 -22.38
CA ALA D 42 10.06 -17.24 -22.32
C ALA D 42 9.04 -16.20 -22.79
N ILE D 43 9.19 -14.96 -22.36
CA ILE D 43 8.34 -13.90 -22.89
C ILE D 43 8.45 -13.81 -24.42
N ALA D 44 9.67 -13.89 -24.94
CA ALA D 44 9.87 -13.82 -26.40
C ALA D 44 9.11 -14.94 -27.09
N LEU D 45 9.17 -16.13 -26.53
CA LEU D 45 8.51 -17.29 -27.13
C LEU D 45 7.02 -17.23 -27.02
N GLU D 46 6.51 -16.81 -25.86
CA GLU D 46 5.07 -16.71 -25.67
C GLU D 46 4.45 -15.69 -26.61
N LEU D 47 5.06 -14.53 -26.73
CA LEU D 47 4.57 -13.54 -27.66
C LEU D 47 4.58 -14.06 -29.09
N GLY D 48 5.67 -14.73 -29.48
CA GLY D 48 5.76 -15.32 -30.81
C GLY D 48 4.67 -16.35 -31.04
N ARG D 49 4.44 -17.19 -30.03
CA ARG D 49 3.37 -18.18 -30.07
C ARG D 49 2.01 -17.52 -30.30
N LEU D 50 1.80 -16.33 -29.74
CA LEU D 50 0.57 -15.56 -29.97
C LEU D 50 0.59 -14.83 -31.31
N GLY D 51 1.67 -14.99 -32.06
CA GLY D 51 1.73 -14.53 -33.44
C GLY D 51 2.38 -13.18 -33.68
N ALA D 52 3.05 -12.62 -32.69
CA ALA D 52 3.77 -11.37 -32.91
C ALA D 52 5.08 -11.64 -33.63
N VAL D 53 5.56 -10.63 -34.37
CA VAL D 53 6.95 -10.58 -34.83
C VAL D 53 7.83 -10.10 -33.65
N VAL D 54 8.76 -10.95 -33.20
CA VAL D 54 9.49 -10.73 -31.96
C VAL D 54 10.92 -10.30 -32.18
N ILE D 55 11.29 -9.17 -31.63
CA ILE D 55 12.66 -8.71 -31.65
C ILE D 55 13.20 -8.86 -30.24
N GLY D 56 14.19 -9.71 -30.08
CA GLY D 56 14.80 -9.92 -28.78
C GLY D 56 16.14 -9.25 -28.76
N THR D 57 16.57 -8.79 -27.59
CA THR D 57 17.82 -8.08 -27.53
C THR D 57 18.70 -8.61 -26.42
N ALA D 58 19.99 -8.40 -26.63
CA ALA D 58 20.99 -8.75 -25.68
C ALA D 58 22.05 -7.68 -25.74
N THR D 59 22.94 -7.69 -24.76
CA THR D 59 24.00 -6.71 -24.68
C THR D 59 25.27 -7.13 -25.44
N SER D 60 25.26 -8.32 -26.04
CA SER D 60 26.40 -8.83 -26.78
C SER D 60 25.97 -9.46 -28.07
N ALA D 61 26.88 -9.49 -29.02
CA ALA D 61 26.66 -10.14 -30.30
C ALA D 61 26.35 -11.65 -30.12
N SER D 62 27.04 -12.35 -29.22
CA SER D 62 26.80 -13.80 -29.10
C SER D 62 25.42 -14.10 -28.54
N GLY D 63 25.01 -13.28 -27.58
CA GLY D 63 23.67 -13.37 -27.05
C GLY D 63 22.59 -13.06 -28.09
N ALA D 64 22.80 -12.04 -28.91
CA ALA D 64 21.88 -11.69 -30.00
C ALA D 64 21.72 -12.77 -31.04
N GLU D 65 22.81 -13.48 -31.33
CA GLU D 65 22.78 -14.65 -32.22
C GLU D 65 22.04 -15.82 -31.63
N LYS D 66 22.22 -16.06 -30.33
CA LYS D 66 21.52 -17.16 -29.69
C LYS D 66 20.00 -16.93 -29.68
N ILE D 67 19.61 -15.66 -29.60
CA ILE D 67 18.22 -15.27 -29.63
C ILE D 67 17.63 -15.59 -31.01
N ALA D 68 18.32 -15.20 -32.07
CA ALA D 68 17.86 -15.49 -33.43
C ALA D 68 17.69 -16.98 -33.67
N GLU D 69 18.59 -17.79 -33.12
CA GLU D 69 18.55 -19.25 -33.32
C GLU D 69 17.45 -19.91 -32.52
N THR D 70 17.23 -19.42 -31.31
CA THR D 70 16.12 -19.85 -30.48
C THR D 70 14.76 -19.51 -31.12
N LEU D 71 14.59 -18.29 -31.61
CA LEU D 71 13.37 -17.89 -32.30
C LEU D 71 13.10 -18.79 -33.50
N LYS D 72 14.16 -19.05 -34.27
CA LYS D 72 14.04 -19.85 -35.47
C LYS D 72 13.61 -21.27 -35.11
N ALA D 73 14.25 -21.87 -34.11
CA ALA D 73 13.91 -23.23 -33.67
C ALA D 73 12.45 -23.36 -33.17
N ASN D 74 11.83 -22.26 -32.76
CA ASN D 74 10.43 -22.28 -32.35
C ASN D 74 9.50 -21.67 -33.40
N GLY D 75 10.03 -21.39 -34.59
CA GLY D 75 9.22 -20.91 -35.72
C GLY D 75 8.67 -19.53 -35.54
N VAL D 76 9.35 -18.73 -34.73
CA VAL D 76 8.96 -17.38 -34.51
C VAL D 76 9.72 -16.49 -35.51
N GLU D 77 8.97 -15.71 -36.28
CA GLU D 77 9.50 -14.65 -37.12
C GLU D 77 10.03 -13.53 -36.23
N GLY D 78 11.26 -13.10 -36.46
CA GLY D 78 11.79 -11.99 -35.72
C GLY D 78 13.27 -11.74 -35.92
N ALA D 79 13.93 -11.24 -34.89
CA ALA D 79 15.35 -10.93 -34.97
C ALA D 79 16.02 -10.93 -33.61
N GLY D 80 17.33 -11.16 -33.59
CA GLY D 80 18.16 -10.88 -32.42
C GLY D 80 18.92 -9.59 -32.71
N LEU D 81 19.05 -8.71 -31.72
CA LEU D 81 19.69 -7.42 -31.92
C LEU D 81 20.53 -7.07 -30.71
N VAL D 82 21.52 -6.22 -30.89
CA VAL D 82 22.34 -5.77 -29.77
C VAL D 82 21.78 -4.45 -29.33
N LEU D 83 21.42 -4.41 -28.07
CA LEU D 83 20.85 -3.20 -27.47
C LEU D 83 21.44 -3.04 -26.11
N ASP D 84 21.85 -1.81 -25.84
CA ASP D 84 22.31 -1.44 -24.52
C ASP D 84 21.35 -0.34 -24.08
N VAL D 85 20.47 -0.72 -23.16
CA VAL D 85 19.40 0.16 -22.71
C VAL D 85 19.93 1.37 -21.96
N SER D 86 21.15 1.27 -21.46
CA SER D 86 21.77 2.37 -20.75
C SER D 86 22.29 3.53 -21.65
N SER D 87 22.23 3.42 -22.97
CA SER D 87 22.76 4.48 -23.83
C SER D 87 21.79 4.98 -24.90
N ASP D 88 21.67 6.28 -25.00
CA ASP D 88 20.74 6.92 -25.94
C ASP D 88 21.04 6.59 -27.40
N GLU D 89 22.32 6.48 -27.73
CA GLU D 89 22.71 6.20 -29.10
C GLU D 89 22.34 4.77 -29.49
N SER D 90 22.60 3.83 -28.58
CA SER D 90 22.22 2.43 -28.82
C SER D 90 20.71 2.26 -28.99
N VAL D 91 19.93 2.96 -28.18
CA VAL D 91 18.48 2.90 -28.26
C VAL D 91 17.96 3.52 -29.57
N ALA D 92 18.39 4.75 -29.89
CA ALA D 92 17.93 5.44 -31.13
C ALA D 92 18.28 4.66 -32.38
N ALA D 93 19.49 4.13 -32.43
CA ALA D 93 19.95 3.36 -33.59
C ALA D 93 19.17 2.07 -33.75
N THR D 94 18.89 1.43 -32.63
CA THR D 94 18.22 0.15 -32.68
C THR D 94 16.78 0.32 -33.16
N LEU D 95 16.12 1.40 -32.76
CA LEU D 95 14.77 1.61 -33.20
C LEU D 95 14.68 1.93 -34.67
N GLU D 96 15.55 2.84 -35.15
CA GLU D 96 15.55 3.19 -36.57
C GLU D 96 15.82 1.97 -37.42
N HIS D 97 16.69 1.09 -36.94
CA HIS D 97 16.93 -0.16 -37.64
C HIS D 97 15.68 -1.00 -37.73
N ILE D 98 14.99 -1.11 -36.60
CA ILE D 98 13.79 -1.93 -36.54
C ILE D 98 12.70 -1.33 -37.42
N GLN D 99 12.51 -0.01 -37.32
CA GLN D 99 11.48 0.69 -38.11
C GLN D 99 11.68 0.51 -39.59
N GLN D 100 12.92 0.69 -40.01
CA GLN D 100 13.31 0.52 -41.40
C GLN D 100 13.01 -0.89 -41.92
N HIS D 101 13.32 -1.93 -41.15
CA HIS D 101 13.22 -3.32 -41.62
C HIS D 101 11.90 -4.01 -41.28
N LEU D 102 11.32 -3.74 -40.11
CA LEU D 102 10.18 -4.53 -39.63
C LEU D 102 8.93 -3.70 -39.34
N GLY D 103 9.09 -2.43 -38.99
CA GLY D 103 7.97 -1.60 -38.58
C GLY D 103 8.18 -1.04 -37.19
N GLN D 104 7.19 -0.29 -36.72
CA GLN D 104 7.22 0.26 -35.36
C GLN D 104 6.91 -0.82 -34.33
N PRO D 105 7.74 -0.94 -33.29
CA PRO D 105 7.39 -1.87 -32.19
C PRO D 105 6.29 -1.24 -31.34
N LEU D 106 5.15 -1.91 -31.23
CA LEU D 106 4.02 -1.42 -30.45
C LEU D 106 3.82 -2.20 -29.15
N ILE D 107 4.55 -3.31 -28.99
CA ILE D 107 4.63 -4.03 -27.73
C ILE D 107 6.09 -4.02 -27.29
N VAL D 108 6.35 -3.47 -26.11
CA VAL D 108 7.69 -3.37 -25.58
C VAL D 108 7.73 -3.93 -24.18
N VAL D 109 8.52 -4.98 -23.99
CA VAL D 109 8.73 -5.61 -22.69
C VAL D 109 10.13 -5.30 -22.20
N ASN D 110 10.20 -4.55 -21.12
CA ASN D 110 11.47 -4.15 -20.54
C ASN D 110 11.84 -5.16 -19.51
N ASN D 111 12.76 -6.04 -19.86
CA ASN D 111 13.15 -7.08 -18.95
C ASN D 111 14.59 -6.95 -18.55
N ALA D 112 15.49 -6.53 -19.45
CA ALA D 112 16.88 -6.09 -19.12
C ALA D 112 16.84 -5.11 -17.95
N ASP D 125 22.20 -4.77 0.22
CA ASP D 125 22.83 -4.39 1.47
C ASP D 125 22.82 -2.86 1.53
N ASP D 126 23.58 -2.23 0.63
CA ASP D 126 23.83 -0.81 0.66
C ASP D 126 24.20 -0.20 -0.72
N GLU D 127 23.93 -0.96 -1.78
CA GLU D 127 24.08 -0.53 -3.18
C GLU D 127 22.73 -0.31 -3.84
N TRP D 128 21.67 -0.31 -3.03
CA TRP D 128 20.32 -0.35 -3.56
C TRP D 128 19.91 0.90 -4.31
N PHE D 129 20.53 2.03 -4.03
CA PHE D 129 20.02 3.29 -4.56
C PHE D 129 20.45 3.40 -6.00
N ASP D 130 21.73 3.16 -6.24
CA ASP D 130 22.26 3.31 -7.60
C ASP D 130 21.57 2.39 -8.57
N VAL D 131 21.44 1.12 -8.18
CA VAL D 131 20.86 0.11 -9.06
C VAL D 131 19.48 0.53 -9.53
N VAL D 132 18.61 0.76 -8.56
CA VAL D 132 17.22 1.11 -8.81
C VAL D 132 17.10 2.33 -9.73
N ASN D 133 17.88 3.35 -9.45
CA ASN D 133 17.92 4.54 -10.26
C ASN D 133 18.38 4.33 -11.67
N THR D 134 19.40 3.51 -11.82
CA THR D 134 19.90 3.18 -13.10
C THR D 134 18.84 2.46 -13.91
N ASN D 135 18.19 1.46 -13.30
CA ASN D 135 17.14 0.71 -13.98
C ASN D 135 16.01 1.58 -14.42
N LEU D 136 15.62 2.54 -13.60
CA LEU D 136 14.55 3.41 -13.95
C LEU D 136 14.94 4.36 -15.07
N ASN D 137 16.19 4.77 -15.12
CA ASN D 137 16.62 5.62 -16.24
C ASN D 137 16.55 4.90 -17.56
N SER D 138 16.84 3.62 -17.53
CA SER D 138 16.78 2.84 -18.72
C SER D 138 15.33 2.64 -19.15
N LEU D 139 14.48 2.25 -18.21
CA LEU D 139 13.06 2.11 -18.47
C LEU D 139 12.53 3.35 -19.11
N TYR D 140 12.77 4.48 -18.47
CA TYR D 140 12.31 5.76 -19.03
C TYR D 140 12.84 6.02 -20.45
N ARG D 141 14.14 5.92 -20.61
CA ARG D 141 14.82 6.16 -21.87
C ARG D 141 14.22 5.37 -23.01
N LEU D 142 14.02 4.08 -22.79
CA LEU D 142 13.47 3.21 -23.82
C LEU D 142 11.99 3.50 -24.08
N SER D 143 11.25 3.71 -23.02
CA SER D 143 9.84 3.99 -23.12
C SER D 143 9.56 5.26 -23.92
N LYS D 144 10.30 6.31 -23.60
CA LYS D 144 10.16 7.60 -24.31
C LYS D 144 10.51 7.48 -25.79
N ALA D 145 11.48 6.64 -26.11
CA ALA D 145 11.84 6.43 -27.48
C ALA D 145 10.72 5.73 -28.25
N VAL D 146 10.15 4.66 -27.70
CA VAL D 146 9.11 3.90 -28.42
C VAL D 146 7.73 4.54 -28.43
N LEU D 147 7.54 5.60 -27.64
CA LEU D 147 6.23 6.27 -27.57
C LEU D 147 5.84 7.05 -28.84
N ARG D 148 6.80 7.65 -29.54
CA ARG D 148 6.41 8.34 -30.78
C ARG D 148 5.67 7.38 -31.72
N GLY D 149 6.23 6.19 -31.90
CA GLY D 149 5.59 5.18 -32.72
C GLY D 149 4.18 4.84 -32.28
N MET D 150 3.97 4.74 -30.98
CA MET D 150 2.72 4.22 -30.44
C MET D 150 1.70 5.34 -30.47
N THR D 151 2.14 6.56 -30.21
CA THR D 151 1.32 7.76 -30.39
C THR D 151 0.77 7.81 -31.81
N LYS D 152 1.66 7.71 -32.79
CA LYS D 152 1.26 7.64 -34.18
C LYS D 152 0.21 6.55 -34.47
N ALA D 153 0.37 5.37 -33.88
CA ALA D 153 -0.58 4.25 -34.11
C ALA D 153 -1.87 4.35 -33.28
N ARG D 154 -1.87 5.22 -32.27
CA ARG D 154 -2.92 5.29 -31.26
C ARG D 154 -3.15 3.91 -30.64
N TRP D 155 -2.04 3.25 -30.34
CA TRP D 155 -2.09 1.95 -29.75
C TRP D 155 -0.72 1.57 -29.25
N GLY D 156 -0.66 0.92 -28.09
CA GLY D 156 0.59 0.45 -27.57
C GLY D 156 0.50 -0.30 -26.27
N ARG D 157 1.55 -1.07 -26.00
CA ARG D 157 1.71 -1.85 -24.77
C ARG D 157 3.14 -1.72 -24.27
N ILE D 158 3.28 -1.28 -23.03
CA ILE D 158 4.55 -1.27 -22.38
C ILE D 158 4.38 -2.11 -21.13
N ILE D 159 5.24 -3.09 -21.00
CA ILE D 159 5.21 -4.00 -19.87
C ILE D 159 6.60 -4.11 -19.25
N ASN D 160 6.69 -3.80 -17.97
CA ASN D 160 7.95 -3.88 -17.22
C ASN D 160 8.04 -5.11 -16.30
N ILE D 161 9.14 -5.84 -16.37
CA ILE D 161 9.36 -6.99 -15.56
C ILE D 161 10.28 -6.61 -14.42
N GLY D 162 9.83 -6.79 -13.19
CA GLY D 162 10.66 -6.52 -12.02
C GLY D 162 11.61 -7.68 -11.75
N SER D 163 12.41 -7.57 -10.70
CA SER D 163 13.45 -8.57 -10.43
C SER D 163 12.91 -9.79 -9.68
N VAL D 164 13.51 -10.93 -9.92
CA VAL D 164 13.20 -12.15 -9.11
C VAL D 164 13.83 -12.07 -7.74
N VAL D 165 13.16 -12.70 -6.78
CA VAL D 165 13.58 -12.63 -5.38
C VAL D 165 14.92 -13.32 -5.17
N GLY D 172 20.14 -7.66 0.43
CA GLY D 172 19.45 -8.45 -0.60
C GLY D 172 17.97 -8.09 -0.66
N GLN D 173 17.24 -8.36 0.42
CA GLN D 173 15.82 -7.99 0.56
C GLN D 173 15.55 -6.48 0.48
N THR D 174 16.49 -5.67 0.95
CA THR D 174 16.37 -4.24 0.83
C THR D 174 16.34 -3.81 -0.63
N ASN D 175 17.17 -4.45 -1.45
CA ASN D 175 17.26 -4.09 -2.85
C ASN D 175 15.97 -4.52 -3.53
N TYR D 176 15.51 -5.73 -3.19
CA TYR D 176 14.32 -6.28 -3.79
C TYR D 176 13.11 -5.39 -3.55
N ALA D 177 12.97 -4.95 -2.31
CA ALA D 177 11.82 -4.17 -1.92
C ALA D 177 11.86 -2.75 -2.52
N ALA D 178 13.04 -2.16 -2.60
CA ALA D 178 13.22 -0.83 -3.21
C ALA D 178 12.98 -0.86 -4.69
N ALA D 179 13.49 -1.89 -5.35
CA ALA D 179 13.26 -2.10 -6.78
C ALA D 179 11.77 -2.16 -7.08
N LYS D 180 11.09 -2.99 -6.33
CA LYS D 180 9.68 -3.22 -6.53
C LYS D 180 8.86 -1.95 -6.34
N ALA D 181 9.17 -1.19 -5.31
CA ALA D 181 8.45 0.05 -5.07
C ALA D 181 8.71 1.14 -6.15
N GLY D 182 9.94 1.22 -6.65
CA GLY D 182 10.28 2.11 -7.76
C GLY D 182 9.59 1.70 -9.06
N LEU D 183 9.51 0.40 -9.29
CA LEU D 183 8.86 -0.11 -10.48
C LEU D 183 7.35 0.17 -10.46
N GLU D 184 6.70 -0.08 -9.32
CA GLU D 184 5.26 0.22 -9.21
C GLU D 184 4.98 1.66 -9.49
N GLY D 185 5.73 2.53 -8.85
CA GLY D 185 5.48 3.95 -8.92
C GLY D 185 5.75 4.46 -10.33
N PHE D 186 6.84 4.01 -10.92
CA PHE D 186 7.19 4.38 -12.26
C PHE D 186 6.14 3.99 -13.28
N THR D 187 5.62 2.80 -13.11
CA THR D 187 4.62 2.24 -13.98
C THR D 187 3.30 3.01 -13.84
N ARG D 188 2.97 3.39 -12.61
CA ARG D 188 1.74 4.07 -12.36
C ARG D 188 1.82 5.48 -12.98
N ALA D 189 2.99 6.10 -12.88
CA ALA D 189 3.18 7.49 -13.33
C ALA D 189 3.19 7.57 -14.85
N LEU D 190 3.89 6.65 -15.49
CA LEU D 190 3.94 6.66 -16.94
C LEU D 190 2.60 6.31 -17.56
N ALA D 191 1.90 5.34 -16.98
CA ALA D 191 0.54 5.03 -17.40
C ALA D 191 -0.31 6.30 -17.45
N ARG D 192 -0.15 7.20 -16.49
CA ARG D 192 -0.96 8.40 -16.44
C ARG D 192 -0.56 9.35 -17.55
N GLU D 193 0.73 9.44 -17.80
CA GLU D 193 1.24 10.32 -18.80
C GLU D 193 0.82 9.92 -20.21
N VAL D 194 0.64 8.63 -20.48
CA VAL D 194 0.38 8.17 -21.85
C VAL D 194 -0.94 7.43 -22.06
N GLY D 195 -1.80 7.45 -21.06
CA GLY D 195 -3.13 6.88 -21.17
C GLY D 195 -3.94 7.44 -22.33
N SER D 196 -3.99 8.76 -22.46
CA SER D 196 -4.90 9.39 -23.42
C SER D 196 -4.64 8.95 -24.86
N ARG D 197 -3.46 8.37 -25.12
CA ARG D 197 -3.15 7.85 -26.45
C ARG D 197 -3.44 6.34 -26.66
N ALA D 198 -4.18 5.74 -25.74
CA ALA D 198 -4.51 4.28 -25.81
C ALA D 198 -3.25 3.39 -25.74
N ILE D 199 -2.30 3.81 -24.92
CA ILE D 199 -1.15 3.01 -24.57
C ILE D 199 -1.26 2.56 -23.12
N THR D 200 -1.26 1.25 -22.87
CA THR D 200 -1.26 0.78 -21.52
C THR D 200 0.16 0.60 -21.06
N VAL D 201 0.39 0.85 -19.75
CA VAL D 201 1.66 0.58 -19.13
C VAL D 201 1.42 -0.26 -17.89
N ASN D 202 2.09 -1.40 -17.82
CA ASN D 202 1.89 -2.34 -16.72
C ASN D 202 3.17 -3.00 -16.33
N ALA D 203 3.15 -3.65 -15.17
CA ALA D 203 4.33 -4.30 -14.64
C ALA D 203 3.99 -5.65 -14.06
N VAL D 204 4.99 -6.52 -14.05
CA VAL D 204 4.86 -7.84 -13.52
C VAL D 204 5.95 -8.01 -12.47
N ALA D 205 5.51 -8.29 -11.25
CA ALA D 205 6.40 -8.50 -10.11
C ALA D 205 6.55 -10.01 -9.82
N PRO D 206 7.57 -10.66 -10.38
CA PRO D 206 7.69 -12.08 -10.14
C PRO D 206 8.13 -12.37 -8.74
N GLY D 207 7.82 -13.57 -8.25
CA GLY D 207 8.30 -14.03 -6.96
C GLY D 207 9.52 -14.93 -7.13
N PHE D 208 9.44 -16.12 -6.55
CA PHE D 208 10.51 -17.12 -6.65
CA PHE D 208 10.52 -17.12 -6.62
C PHE D 208 10.33 -18.03 -7.85
N ILE D 209 11.09 -17.74 -8.91
CA ILE D 209 10.98 -18.42 -10.18
C ILE D 209 12.16 -19.34 -10.39
N ASP D 210 11.91 -20.47 -11.04
CA ASP D 210 12.95 -21.41 -11.36
C ASP D 210 13.77 -20.92 -12.57
N THR D 211 14.93 -20.34 -12.29
CA THR D 211 15.86 -19.90 -13.33
C THR D 211 17.24 -20.39 -12.91
N ASP D 212 18.23 -20.22 -13.79
CA ASP D 212 19.57 -20.77 -13.54
C ASP D 212 20.22 -20.20 -12.25
N MET D 213 19.91 -18.94 -11.89
CA MET D 213 20.28 -18.37 -10.57
C MET D 213 19.88 -19.27 -9.39
N THR D 214 18.60 -19.56 -9.32
CA THR D 214 17.97 -20.19 -8.16
C THR D 214 18.17 -21.70 -8.12
N ARG D 215 18.52 -22.30 -9.25
CA ARG D 215 18.88 -23.72 -9.29
C ARG D 215 20.22 -23.99 -8.63
N GLU D 219 19.69 -25.27 -0.74
CA GLU D 219 19.06 -26.52 -0.32
C GLU D 219 18.27 -26.40 1.01
N ALA D 220 18.99 -26.20 2.11
CA ALA D 220 18.37 -25.74 3.35
C ALA D 220 17.70 -24.39 3.09
N GLN D 221 18.42 -23.50 2.39
CA GLN D 221 17.86 -22.20 1.96
C GLN D 221 16.69 -22.35 0.98
N ARG D 222 16.74 -23.38 0.13
CA ARG D 222 15.68 -23.66 -0.83
C ARG D 222 14.41 -24.08 -0.08
N GLU D 223 14.53 -25.02 0.85
CA GLU D 223 13.38 -25.51 1.63
C GLU D 223 12.77 -24.37 2.45
N ALA D 224 13.61 -23.49 2.96
CA ALA D 224 13.16 -22.32 3.72
C ALA D 224 12.22 -21.46 2.90
N LEU D 225 12.57 -21.28 1.63
CA LEU D 225 11.77 -20.44 0.72
C LEU D 225 10.43 -21.07 0.40
N LEU D 226 10.44 -22.35 0.07
CA LEU D 226 9.22 -23.11 -0.18
C LEU D 226 8.20 -23.06 0.99
N GLY D 227 8.70 -22.91 2.21
CA GLY D 227 7.84 -22.74 3.39
C GLY D 227 7.10 -21.41 3.39
N GLN D 228 7.71 -20.40 2.77
CA GLN D 228 7.13 -19.06 2.70
CA GLN D 228 7.15 -19.05 2.69
C GLN D 228 6.17 -18.90 1.53
N ILE D 229 6.07 -19.89 0.65
CA ILE D 229 5.22 -19.79 -0.54
C ILE D 229 4.01 -20.71 -0.35
N PRO D 230 2.82 -20.11 -0.22
CA PRO D 230 1.57 -20.86 -0.12
C PRO D 230 1.42 -22.01 -1.10
N LEU D 231 1.60 -21.77 -2.40
CA LEU D 231 1.49 -22.88 -3.35
C LEU D 231 2.56 -23.94 -3.11
N GLY D 232 3.59 -23.60 -2.35
CA GLY D 232 4.61 -24.56 -1.97
C GLY D 232 5.37 -25.08 -3.17
N ARG D 233 5.71 -24.20 -4.11
CA ARG D 233 6.51 -24.59 -5.25
C ARG D 233 7.07 -23.36 -5.91
N LEU D 234 8.19 -23.52 -6.57
CA LEU D 234 8.78 -22.45 -7.38
C LEU D 234 7.89 -22.19 -8.57
N GLY D 235 7.90 -20.96 -9.06
CA GLY D 235 7.25 -20.66 -10.32
C GLY D 235 8.12 -20.99 -11.52
N GLN D 236 7.47 -21.26 -12.65
CA GLN D 236 8.14 -21.45 -13.94
C GLN D 236 8.22 -20.13 -14.71
N ALA D 237 9.28 -19.95 -15.51
CA ALA D 237 9.42 -18.79 -16.35
C ALA D 237 8.20 -18.57 -17.25
N GLU D 238 7.63 -19.66 -17.74
CA GLU D 238 6.51 -19.63 -18.67
C GLU D 238 5.27 -19.02 -17.99
N GLU D 239 5.17 -19.20 -16.68
CA GLU D 239 4.05 -18.65 -15.92
C GLU D 239 4.12 -17.10 -15.94
N ILE D 240 5.32 -16.54 -16.01
CA ILE D 240 5.47 -15.09 -16.11
C ILE D 240 5.15 -14.62 -17.50
N ALA D 241 5.54 -15.42 -18.47
CA ALA D 241 5.26 -15.11 -19.85
C ALA D 241 3.78 -15.05 -20.16
N LYS D 242 3.03 -15.98 -19.59
CA LYS D 242 1.59 -16.05 -19.81
C LYS D 242 0.91 -14.77 -19.38
N VAL D 243 1.31 -14.22 -18.23
CA VAL D 243 0.76 -12.96 -17.75
C VAL D 243 1.09 -11.80 -18.70
N VAL D 244 2.31 -11.78 -19.18
CA VAL D 244 2.76 -10.75 -20.12
C VAL D 244 2.01 -10.87 -21.42
N GLY D 245 1.84 -12.10 -21.89
CA GLY D 245 1.06 -12.35 -23.07
C GLY D 245 -0.34 -11.78 -22.94
N PHE D 246 -0.99 -12.04 -21.82
CA PHE D 246 -2.32 -11.50 -21.62
C PHE D 246 -2.30 -9.98 -21.59
N LEU D 247 -1.34 -9.38 -20.89
CA LEU D 247 -1.28 -7.91 -20.80
C LEU D 247 -1.05 -7.26 -22.16
N ALA D 248 -0.36 -7.97 -23.06
CA ALA D 248 -0.12 -7.45 -24.39
C ALA D 248 -1.38 -7.50 -25.27
N SER D 249 -2.34 -8.33 -24.88
CA SER D 249 -3.55 -8.55 -25.68
C SER D 249 -4.54 -7.38 -25.65
N ASP D 250 -5.51 -7.44 -26.57
CA ASP D 250 -6.64 -6.52 -26.59
C ASP D 250 -7.57 -6.72 -25.38
N GLY D 251 -7.64 -7.93 -24.85
CA GLY D 251 -8.43 -8.18 -23.64
C GLY D 251 -8.01 -7.42 -22.39
N ALA D 252 -6.78 -6.90 -22.36
CA ALA D 252 -6.27 -6.11 -21.25
C ALA D 252 -6.19 -4.61 -21.58
N ALA D 253 -7.02 -4.13 -22.51
CA ALA D 253 -6.96 -2.71 -22.91
C ALA D 253 -7.34 -1.74 -21.81
N TYR D 254 -8.13 -2.19 -20.83
CA TYR D 254 -8.55 -1.29 -19.74
C TYR D 254 -7.69 -1.41 -18.48
N VAL D 255 -6.65 -2.21 -18.57
CA VAL D 255 -5.75 -2.42 -17.49
C VAL D 255 -4.57 -1.59 -17.78
N THR D 256 -4.28 -0.64 -16.91
CA THR D 256 -3.05 0.09 -17.02
C THR D 256 -2.70 0.65 -15.69
N GLY D 257 -1.41 0.93 -15.55
CA GLY D 257 -0.84 1.40 -14.28
C GLY D 257 -0.72 0.29 -13.26
N ALA D 258 -1.04 -0.96 -13.63
CA ALA D 258 -1.10 -2.04 -12.65
C ALA D 258 0.23 -2.79 -12.54
N THR D 259 0.48 -3.32 -11.36
CA THR D 259 1.56 -4.27 -11.15
C THR D 259 0.98 -5.60 -10.72
N VAL D 260 1.09 -6.61 -11.56
CA VAL D 260 0.54 -7.93 -11.28
C VAL D 260 1.60 -8.76 -10.62
N PRO D 261 1.41 -9.13 -9.36
CA PRO D 261 2.40 -9.98 -8.69
C PRO D 261 2.18 -11.39 -9.11
N VAL D 262 3.26 -12.09 -9.44
CA VAL D 262 3.17 -13.47 -9.87
C VAL D 262 4.14 -14.24 -8.99
N ASN D 263 3.69 -14.52 -7.78
CA ASN D 263 4.58 -14.97 -6.73
C ASN D 263 4.06 -16.13 -5.90
N GLY D 264 3.12 -16.87 -6.43
CA GLY D 264 2.50 -17.99 -5.70
C GLY D 264 1.96 -17.68 -4.32
N GLY D 265 1.65 -16.43 -4.03
CA GLY D 265 1.14 -16.08 -2.74
C GLY D 265 2.13 -15.58 -1.71
N MET D 266 3.42 -15.63 -2.01
CA MET D 266 4.44 -15.01 -1.17
C MET D 266 4.50 -13.50 -1.40
N TYR D 267 4.02 -12.71 -0.43
CA TYR D 267 4.12 -11.25 -0.51
C TYR D 267 5.16 -10.70 0.49
N MET D 268 6.25 -10.16 -0.07
CA MET D 268 7.24 -9.45 0.71
C MET D 268 7.43 -8.05 0.12
N SER D 269 7.09 -7.02 0.90
CA SER D 269 7.21 -5.62 0.48
C SER D 269 8.07 -4.85 1.48
#